data_6TOW
#
_entry.id   6TOW
#
_cell.length_a   84.573
_cell.length_b   84.573
_cell.length_c   274.597
_cell.angle_alpha   90.000
_cell.angle_beta   90.000
_cell.angle_gamma   120.000
#
_symmetry.space_group_name_H-M   'P 31 2 1'
#
loop_
_entity.id
_entity.type
_entity.pdbx_description
1 polymer 'Reducing-end xylose-releasing exo-oligoxylanase Rex8A'
2 branched beta-D-xylopyranose-(1-4)-beta-D-xylopyranose-(1-4)-beta-D-xylopyranose-(1-4)-beta-D-xylopyranose
3 water water
#
_entity_poly.entity_id   1
_entity_poly.type   'polypeptide(L)'
_entity_poly.pdbx_seq_one_letter_code
;MNITGKGAYDTGTYANLFQRSGYREDEIKARLEQTWNDLFYGDEHTRIYYPVGDDKGYMLDTGNDDVRSAGMSYGMMMAV
QMDKKHEFDRLWNYAYTYMQHTEGRYKDYFAWHCKPDGTRLSPGPAPDGEEFFAMALFFASNRWGDGPAPYDYQAQARKI
LHACLHQGEQGEGDPMWEPSNRLIKFIPELPFSDPSYHLPHFYELFAQYANEQDRTFWKEAAEASRAYLRTACHPVTGLS
PEYANYDGTPAPVQLHGDFRHFYSDAYRVAANVALDWEWFRKDPWQVQQSNRIQAFFSDIDVSDYRRYTIEGEPFNEPAL
HPVGLLATNAMASLAADGPDADSFVKRFWNTPLRQGKRRYYDNCLYFFTMLALSGNYRVYQQAAA
;
_entity_poly.pdbx_strand_id   A,B
#
loop_
_chem_comp.id
_chem_comp.type
_chem_comp.name
_chem_comp.formula
XYP D-saccharide, beta linking beta-D-xylopyranose 'C5 H10 O5'
#
# COMPACT_ATOMS: atom_id res chain seq x y z
N LYS A 6 5.06 11.09 -19.81
CA LYS A 6 4.55 10.60 -18.50
C LYS A 6 3.17 11.21 -18.23
N GLY A 7 2.32 10.46 -17.54
CA GLY A 7 0.92 10.82 -17.27
C GLY A 7 0.79 11.68 -16.03
N ALA A 8 -0.44 12.11 -15.72
CA ALA A 8 -0.79 12.90 -14.51
C ALA A 8 -0.41 12.13 -13.23
N TYR A 9 -0.46 10.80 -13.24
CA TYR A 9 -0.10 9.97 -12.06
C TYR A 9 1.34 10.30 -11.64
N ASP A 10 2.22 10.49 -12.62
CA ASP A 10 3.69 10.69 -12.43
C ASP A 10 3.98 12.17 -12.21
N THR A 11 3.34 13.08 -12.96
CA THR A 11 3.68 14.53 -13.00
C THR A 11 2.85 15.32 -11.97
N GLY A 12 1.66 14.84 -11.62
CA GLY A 12 0.71 15.59 -10.78
C GLY A 12 0.04 16.75 -11.51
N THR A 13 0.26 16.90 -12.82
CA THR A 13 -0.41 17.97 -13.61
C THR A 13 -1.49 17.34 -14.50
N TYR A 14 -2.70 17.88 -14.38
CA TYR A 14 -3.94 17.41 -15.07
C TYR A 14 -4.34 18.40 -16.15
N ALA A 15 -4.53 17.92 -17.38
CA ALA A 15 -5.01 18.74 -18.51
C ALA A 15 -6.36 19.35 -18.13
N ASN A 16 -6.52 20.65 -18.33
CA ASN A 16 -7.80 21.39 -18.15
C ASN A 16 -8.26 21.79 -19.56
N LEU A 17 -9.06 20.96 -20.19
CA LEU A 17 -9.42 21.11 -21.62
C LEU A 17 -10.42 22.26 -21.78
N PHE A 18 -11.23 22.55 -20.78
CA PHE A 18 -12.14 23.72 -20.81
C PHE A 18 -11.28 24.99 -20.89
N GLN A 19 -10.24 25.10 -20.07
CA GLN A 19 -9.33 26.28 -20.03
C GLN A 19 -8.57 26.37 -21.37
N ARG A 20 -8.15 25.23 -21.91
CA ARG A 20 -7.51 25.12 -23.25
C ARG A 20 -8.46 25.65 -24.34
N SER A 21 -9.77 25.47 -24.20
CA SER A 21 -10.80 25.89 -25.19
C SER A 21 -11.16 27.37 -25.00
N GLY A 22 -10.68 28.03 -23.94
CA GLY A 22 -10.85 29.48 -23.74
C GLY A 22 -11.84 29.86 -22.65
N TYR A 23 -12.41 28.88 -21.92
CA TYR A 23 -13.26 29.14 -20.73
C TYR A 23 -12.37 29.60 -19.58
N ARG A 24 -12.89 30.51 -18.75
CA ARG A 24 -12.14 31.14 -17.62
C ARG A 24 -12.12 30.17 -16.43
N GLU A 25 -11.01 30.16 -15.68
CA GLU A 25 -10.82 29.33 -14.47
C GLU A 25 -12.05 29.46 -13.56
N ASP A 26 -12.49 30.69 -13.29
CA ASP A 26 -13.61 31.01 -12.37
C ASP A 26 -14.93 30.47 -12.94
N GLU A 27 -15.14 30.61 -14.26
CA GLU A 27 -16.32 30.07 -14.99
C GLU A 27 -16.35 28.54 -14.84
N ILE A 28 -15.21 27.89 -15.06
CA ILE A 28 -15.08 26.40 -15.05
C ILE A 28 -15.46 25.87 -13.66
N LYS A 29 -14.87 26.40 -12.58
CA LYS A 29 -15.08 25.77 -11.24
C LYS A 29 -16.50 26.12 -10.76
N ALA A 30 -17.03 27.30 -11.10
CA ALA A 30 -18.47 27.63 -10.86
C ALA A 30 -19.35 26.57 -11.54
N ARG A 31 -19.06 26.24 -12.81
CA ARG A 31 -19.91 25.31 -13.59
C ARG A 31 -19.85 23.90 -12.99
N LEU A 32 -18.67 23.49 -12.53
CA LEU A 32 -18.47 22.17 -11.85
C LEU A 32 -19.29 22.12 -10.56
N GLU A 33 -19.21 23.18 -9.73
CA GLU A 33 -19.97 23.31 -8.46
C GLU A 33 -21.47 23.29 -8.74
N GLN A 34 -21.94 24.03 -9.75
CA GLN A 34 -23.40 24.07 -10.08
C GLN A 34 -23.84 22.69 -10.59
N THR A 35 -23.00 21.95 -11.31
CA THR A 35 -23.32 20.58 -11.80
C THR A 35 -23.51 19.68 -10.58
N TRP A 36 -22.61 19.76 -9.60
CA TRP A 36 -22.70 18.99 -8.33
C TRP A 36 -24.00 19.35 -7.62
N ASN A 37 -24.24 20.65 -7.40
CA ASN A 37 -25.47 21.18 -6.76
C ASN A 37 -26.74 20.62 -7.41
N ASP A 38 -26.85 20.70 -8.73
CA ASP A 38 -28.06 20.27 -9.46
C ASP A 38 -28.23 18.75 -9.34
N LEU A 39 -27.18 17.97 -9.53
CA LEU A 39 -27.28 16.49 -9.53
C LEU A 39 -27.59 15.97 -8.13
N PHE A 40 -26.97 16.55 -7.09
CA PHE A 40 -27.06 16.02 -5.71
C PHE A 40 -28.20 16.68 -4.92
N TYR A 41 -28.55 17.93 -5.21
CA TYR A 41 -29.53 18.71 -4.40
C TYR A 41 -30.45 19.57 -5.27
N GLY A 42 -30.62 19.26 -6.56
CA GLY A 42 -31.46 20.06 -7.47
C GLY A 42 -32.94 19.74 -7.35
N ASP A 43 -33.74 20.18 -8.33
CA ASP A 43 -35.21 19.96 -8.39
C ASP A 43 -35.49 18.49 -8.69
N GLU A 44 -36.77 18.09 -8.58
CA GLU A 44 -37.23 16.67 -8.62
C GLU A 44 -37.08 16.08 -10.03
N HIS A 45 -36.81 16.92 -11.04
CA HIS A 45 -36.66 16.55 -12.48
C HIS A 45 -35.19 16.58 -12.90
N THR A 46 -34.28 16.84 -11.98
CA THR A 46 -32.82 17.00 -12.26
C THR A 46 -32.00 16.09 -11.33
N ARG A 47 -32.27 16.09 -10.03
CA ARG A 47 -31.40 15.43 -9.02
C ARG A 47 -31.44 13.91 -9.25
N ILE A 48 -30.37 13.22 -8.87
CA ILE A 48 -30.34 11.73 -8.91
C ILE A 48 -29.88 11.17 -7.56
N TYR A 49 -29.57 12.03 -6.59
CA TYR A 49 -29.13 11.66 -5.22
C TYR A 49 -30.23 12.05 -4.24
N TYR A 50 -30.56 11.13 -3.33
CA TYR A 50 -31.56 11.34 -2.24
C TYR A 50 -30.91 10.90 -0.92
N PRO A 51 -30.75 11.82 0.06
CA PRO A 51 -30.30 11.42 1.40
C PRO A 51 -31.41 10.65 2.12
N VAL A 52 -31.02 9.71 2.99
CA VAL A 52 -31.96 8.85 3.79
C VAL A 52 -31.49 8.83 5.24
N GLY A 53 -32.39 9.15 6.18
CA GLY A 53 -32.11 9.17 7.63
C GLY A 53 -30.91 10.05 7.96
N ASP A 54 -30.12 9.64 8.95
CA ASP A 54 -29.01 10.45 9.51
C ASP A 54 -27.69 10.07 8.83
N ASP A 55 -27.59 8.89 8.21
CA ASP A 55 -26.26 8.35 7.81
C ASP A 55 -26.31 7.59 6.48
N LYS A 56 -27.33 7.77 5.64
CA LYS A 56 -27.42 7.02 4.36
C LYS A 56 -27.89 7.92 3.22
N GLY A 57 -27.75 7.42 1.99
CA GLY A 57 -28.11 8.13 0.76
C GLY A 57 -27.99 7.17 -0.41
N TYR A 58 -28.71 7.43 -1.50
CA TYR A 58 -28.64 6.58 -2.71
C TYR A 58 -28.70 7.45 -3.97
N MET A 59 -28.12 6.89 -5.03
CA MET A 59 -28.24 7.37 -6.43
C MET A 59 -29.37 6.57 -7.08
N LEU A 60 -30.38 7.25 -7.60
CA LEU A 60 -31.58 6.64 -8.19
C LEU A 60 -31.38 6.51 -9.70
N ASP A 61 -31.47 5.29 -10.22
CA ASP A 61 -31.73 5.07 -11.67
C ASP A 61 -33.19 5.50 -11.89
N THR A 62 -33.37 6.74 -12.33
CA THR A 62 -34.68 7.40 -12.56
C THR A 62 -35.47 6.61 -13.61
N GLY A 63 -34.79 6.07 -14.63
CA GLY A 63 -35.43 5.36 -15.75
C GLY A 63 -36.00 4.01 -15.34
N ASN A 64 -35.34 3.31 -14.43
CA ASN A 64 -35.69 1.93 -14.01
C ASN A 64 -36.29 1.92 -12.60
N ASP A 65 -36.42 3.08 -11.94
CA ASP A 65 -37.00 3.22 -10.57
C ASP A 65 -36.30 2.27 -9.61
N ASP A 66 -34.96 2.19 -9.65
CA ASP A 66 -34.19 1.31 -8.74
C ASP A 66 -32.83 1.94 -8.46
N VAL A 67 -32.07 1.28 -7.58
CA VAL A 67 -30.73 1.73 -7.09
C VAL A 67 -29.75 0.65 -7.54
N ARG A 68 -28.71 1.03 -8.28
CA ARG A 68 -27.75 0.09 -8.93
C ARG A 68 -26.38 0.25 -8.28
N SER A 69 -25.65 -0.86 -8.17
CA SER A 69 -24.27 -0.89 -7.63
C SER A 69 -23.38 0.05 -8.47
N ALA A 70 -23.57 0.09 -9.78
CA ALA A 70 -22.80 0.97 -10.69
C ALA A 70 -23.11 2.43 -10.32
N GLY A 71 -24.39 2.77 -10.14
CA GLY A 71 -24.80 4.14 -9.76
C GLY A 71 -24.28 4.53 -8.39
N MET A 72 -24.36 3.63 -7.41
CA MET A 72 -23.88 3.93 -6.03
C MET A 72 -22.38 4.21 -6.10
N SER A 73 -21.62 3.31 -6.75
CA SER A 73 -20.14 3.38 -6.88
C SER A 73 -19.76 4.65 -7.65
N TYR A 74 -20.55 5.05 -8.65
CA TYR A 74 -20.32 6.33 -9.39
C TYR A 74 -20.49 7.52 -8.44
N GLY A 75 -21.58 7.51 -7.67
CA GLY A 75 -21.85 8.57 -6.70
C GLY A 75 -20.67 8.74 -5.75
N MET A 76 -20.12 7.62 -5.29
CA MET A 76 -18.97 7.64 -4.34
C MET A 76 -17.74 8.21 -5.05
N MET A 77 -17.49 7.83 -6.32
CA MET A 77 -16.36 8.40 -7.08
C MET A 77 -16.56 9.92 -7.24
N MET A 78 -17.77 10.37 -7.56
CA MET A 78 -18.08 11.82 -7.73
C MET A 78 -17.83 12.55 -6.42
N ALA A 79 -18.29 11.99 -5.30
CA ALA A 79 -18.16 12.59 -3.95
C ALA A 79 -16.69 12.72 -3.59
N VAL A 80 -15.88 11.66 -3.75
CA VAL A 80 -14.45 11.71 -3.34
C VAL A 80 -13.70 12.68 -4.27
N GLN A 81 -13.97 12.65 -5.58
CA GLN A 81 -13.31 13.61 -6.52
C GLN A 81 -13.67 15.07 -6.17
N MET A 82 -14.84 15.31 -5.58
CA MET A 82 -15.34 16.68 -5.26
C MET A 82 -15.07 17.05 -3.78
N ASP A 83 -14.43 16.19 -3.00
CA ASP A 83 -14.09 16.42 -1.56
C ASP A 83 -15.40 16.55 -0.77
N LYS A 84 -16.34 15.63 -0.97
CA LYS A 84 -17.69 15.65 -0.34
C LYS A 84 -17.81 14.41 0.54
N LYS A 85 -17.13 14.42 1.67
CA LYS A 85 -17.03 13.25 2.59
C LYS A 85 -18.43 12.90 3.14
N HIS A 86 -19.26 13.88 3.48
CA HIS A 86 -20.61 13.64 4.04
C HIS A 86 -21.44 12.77 3.08
N GLU A 87 -21.50 13.14 1.80
CA GLU A 87 -22.27 12.41 0.76
C GLU A 87 -21.60 11.06 0.49
N PHE A 88 -20.26 11.03 0.44
CA PHE A 88 -19.49 9.79 0.24
C PHE A 88 -19.90 8.77 1.32
N ASP A 89 -19.85 9.17 2.59
CA ASP A 89 -20.10 8.27 3.74
C ASP A 89 -21.54 7.76 3.72
N ARG A 90 -22.49 8.63 3.38
CA ARG A 90 -23.93 8.24 3.27
C ARG A 90 -24.11 7.20 2.17
N LEU A 91 -23.52 7.42 1.00
CA LEU A 91 -23.63 6.50 -0.16
C LEU A 91 -22.99 5.16 0.22
N TRP A 92 -21.76 5.19 0.73
CA TRP A 92 -21.04 3.93 1.09
C TRP A 92 -21.84 3.17 2.17
N ASN A 93 -22.35 3.86 3.18
CA ASN A 93 -23.08 3.20 4.31
C ASN A 93 -24.33 2.50 3.74
N TYR A 94 -25.00 3.13 2.76
CA TYR A 94 -26.18 2.55 2.07
C TYR A 94 -25.79 1.27 1.34
N ALA A 95 -24.73 1.31 0.52
CA ALA A 95 -24.26 0.15 -0.27
C ALA A 95 -23.82 -0.94 0.72
N TYR A 96 -23.08 -0.57 1.76
CA TYR A 96 -22.56 -1.48 2.80
C TYR A 96 -23.77 -2.15 3.51
N THR A 97 -24.74 -1.34 3.97
CA THR A 97 -25.90 -1.81 4.78
C THR A 97 -26.78 -2.76 3.93
N TYR A 98 -27.20 -2.36 2.73
CA TYR A 98 -28.29 -3.04 1.97
C TYR A 98 -27.77 -3.96 0.86
N MET A 99 -26.63 -3.66 0.21
CA MET A 99 -26.27 -4.32 -1.08
C MET A 99 -25.16 -5.36 -0.89
N GLN A 100 -24.23 -5.15 0.03
CA GLN A 100 -23.08 -6.08 0.18
C GLN A 100 -23.56 -7.39 0.82
N HIS A 101 -23.27 -8.52 0.18
CA HIS A 101 -23.45 -9.90 0.69
C HIS A 101 -22.48 -10.14 1.85
N THR A 102 -22.97 -10.70 2.95
CA THR A 102 -22.16 -11.07 4.15
C THR A 102 -21.95 -12.58 4.20
N GLU A 103 -22.58 -13.35 3.30
CA GLU A 103 -22.45 -14.83 3.20
C GLU A 103 -22.77 -15.29 1.77
N GLY A 104 -22.45 -16.55 1.47
CA GLY A 104 -22.91 -17.24 0.25
C GLY A 104 -21.91 -17.08 -0.86
N ARG A 105 -22.28 -17.55 -2.05
CA ARG A 105 -21.43 -17.60 -3.26
C ARG A 105 -21.01 -16.18 -3.67
N TYR A 106 -21.71 -15.13 -3.21
CA TYR A 106 -21.45 -13.70 -3.56
C TYR A 106 -20.95 -12.88 -2.37
N LYS A 107 -20.47 -13.55 -1.30
CA LYS A 107 -19.95 -12.86 -0.09
C LYS A 107 -18.96 -11.77 -0.50
N ASP A 108 -19.17 -10.54 -0.01
CA ASP A 108 -18.33 -9.33 -0.20
C ASP A 108 -18.67 -8.61 -1.51
N TYR A 109 -19.28 -9.29 -2.47
CA TYR A 109 -19.88 -8.68 -3.69
C TYR A 109 -21.17 -7.93 -3.29
N PHE A 110 -21.68 -7.12 -4.21
CA PHE A 110 -22.90 -6.28 -4.01
C PHE A 110 -24.00 -6.75 -4.96
N ALA A 111 -25.16 -7.13 -4.39
CA ALA A 111 -26.42 -7.31 -5.14
C ALA A 111 -26.56 -6.12 -6.10
N TRP A 112 -26.72 -6.36 -7.40
CA TRP A 112 -26.47 -5.29 -8.42
C TRP A 112 -27.58 -4.23 -8.35
N HIS A 113 -28.78 -4.56 -7.85
CA HIS A 113 -29.84 -3.53 -7.69
C HIS A 113 -30.78 -3.86 -6.54
N CYS A 114 -31.31 -2.78 -5.96
CA CYS A 114 -32.28 -2.81 -4.86
C CYS A 114 -33.31 -1.70 -5.09
N LYS A 115 -34.44 -1.82 -4.39
CA LYS A 115 -35.46 -0.75 -4.32
C LYS A 115 -34.88 0.39 -3.50
N PRO A 116 -35.35 1.63 -3.69
CA PRO A 116 -34.91 2.76 -2.85
C PRO A 116 -34.84 2.44 -1.35
N ASP A 117 -35.77 1.63 -0.82
CA ASP A 117 -35.81 1.29 0.63
C ASP A 117 -34.74 0.24 1.01
N GLY A 118 -33.96 -0.26 0.05
CA GLY A 118 -32.86 -1.22 0.30
C GLY A 118 -33.22 -2.68 -0.02
N THR A 119 -34.49 -2.96 -0.31
CA THR A 119 -34.95 -4.32 -0.69
C THR A 119 -34.20 -4.78 -1.95
N ARG A 120 -33.44 -5.87 -1.86
CA ARG A 120 -32.68 -6.40 -3.02
C ARG A 120 -33.66 -6.91 -4.07
N LEU A 121 -33.40 -6.60 -5.35
CA LEU A 121 -34.23 -7.00 -6.51
C LEU A 121 -33.59 -8.19 -7.23
N SER A 122 -32.26 -8.35 -7.11
CA SER A 122 -31.48 -9.50 -7.63
C SER A 122 -30.29 -9.75 -6.70
N PRO A 123 -29.90 -11.02 -6.47
CA PRO A 123 -28.74 -11.31 -5.64
C PRO A 123 -27.40 -11.16 -6.38
N GLY A 124 -27.40 -11.41 -7.70
CA GLY A 124 -26.18 -11.40 -8.52
C GLY A 124 -25.51 -10.01 -8.53
N PRO A 125 -24.17 -9.93 -8.64
CA PRO A 125 -23.47 -8.66 -8.71
C PRO A 125 -23.26 -8.16 -10.15
N ALA A 126 -22.78 -6.92 -10.27
CA ALA A 126 -22.33 -6.32 -11.54
C ALA A 126 -20.89 -5.84 -11.35
N PRO A 127 -19.88 -6.56 -11.88
CA PRO A 127 -18.47 -6.28 -11.58
C PRO A 127 -18.02 -4.83 -11.77
N ASP A 128 -18.66 -4.07 -12.65
CA ASP A 128 -18.27 -2.64 -12.82
C ASP A 128 -18.56 -1.86 -11.53
N GLY A 129 -19.55 -2.30 -10.75
CA GLY A 129 -19.84 -1.71 -9.42
C GLY A 129 -18.67 -1.94 -8.46
N GLU A 130 -18.27 -3.20 -8.31
CA GLU A 130 -17.20 -3.63 -7.36
C GLU A 130 -15.94 -2.80 -7.64
N GLU A 131 -15.53 -2.66 -8.90
CA GLU A 131 -14.22 -2.01 -9.21
C GLU A 131 -14.30 -0.51 -8.92
N PHE A 132 -15.44 0.14 -9.18
CA PHE A 132 -15.61 1.56 -8.86
C PHE A 132 -15.68 1.76 -7.34
N PHE A 133 -16.36 0.85 -6.62
CA PHE A 133 -16.44 0.88 -5.14
C PHE A 133 -15.00 0.88 -4.59
N ALA A 134 -14.20 -0.11 -4.99
CA ALA A 134 -12.80 -0.27 -4.54
C ALA A 134 -12.00 1.01 -4.84
N MET A 135 -12.03 1.51 -6.08
CA MET A 135 -11.20 2.67 -6.49
C MET A 135 -11.63 3.91 -5.66
N ALA A 136 -12.93 4.13 -5.49
CA ALA A 136 -13.49 5.28 -4.71
C ALA A 136 -13.08 5.15 -3.24
N LEU A 137 -13.09 3.92 -2.72
CA LEU A 137 -12.72 3.62 -1.31
C LEU A 137 -11.23 3.87 -1.09
N PHE A 138 -10.37 3.45 -2.02
CA PHE A 138 -8.89 3.73 -1.95
C PHE A 138 -8.66 5.24 -1.97
N PHE A 139 -9.34 5.98 -2.85
CA PHE A 139 -9.17 7.46 -2.95
C PHE A 139 -9.66 8.11 -1.65
N ALA A 140 -10.74 7.60 -1.05
CA ALA A 140 -11.29 8.12 0.22
C ALA A 140 -10.24 7.95 1.33
N SER A 141 -9.62 6.77 1.41
CA SER A 141 -8.50 6.47 2.34
C SER A 141 -7.38 7.50 2.12
N ASN A 142 -6.95 7.67 0.86
CA ASN A 142 -5.77 8.49 0.49
C ASN A 142 -6.05 9.99 0.75
N ARG A 143 -7.29 10.45 0.59
CA ARG A 143 -7.67 11.88 0.77
C ARG A 143 -7.94 12.21 2.24
N TRP A 144 -8.71 11.35 2.93
CA TRP A 144 -9.32 11.66 4.24
C TRP A 144 -8.72 10.80 5.35
N GLY A 145 -8.03 9.71 5.01
CA GLY A 145 -7.60 8.68 5.99
C GLY A 145 -8.78 7.82 6.40
N ASP A 146 -8.52 6.59 6.84
CA ASP A 146 -9.57 5.63 7.26
C ASP A 146 -10.28 6.16 8.51
N GLY A 147 -11.50 5.68 8.73
CA GLY A 147 -12.24 5.84 9.99
C GLY A 147 -12.48 4.48 10.63
N PRO A 148 -13.34 4.44 11.68
CA PRO A 148 -13.85 3.18 12.21
C PRO A 148 -14.77 2.47 11.21
N ALA A 149 -14.75 1.14 11.22
CA ALA A 149 -15.66 0.29 10.41
C ALA A 149 -17.09 0.81 10.53
N PRO A 150 -17.88 0.91 9.43
CA PRO A 150 -17.47 0.44 8.11
C PRO A 150 -16.73 1.47 7.24
N TYR A 151 -16.23 2.56 7.84
CA TYR A 151 -15.54 3.68 7.14
C TYR A 151 -14.01 3.46 7.13
N ASP A 152 -13.57 2.23 7.40
CA ASP A 152 -12.14 1.81 7.24
C ASP A 152 -11.91 1.57 5.74
N TYR A 153 -11.88 2.67 4.98
CA TYR A 153 -12.03 2.73 3.51
C TYR A 153 -11.09 1.74 2.83
N GLN A 154 -9.77 1.81 3.08
CA GLN A 154 -8.81 0.96 2.33
C GLN A 154 -9.02 -0.51 2.71
N ALA A 155 -9.38 -0.81 3.96
CA ALA A 155 -9.66 -2.20 4.42
C ALA A 155 -10.89 -2.76 3.68
N GLN A 156 -11.93 -1.94 3.52
CA GLN A 156 -13.16 -2.33 2.77
C GLN A 156 -12.78 -2.57 1.29
N ALA A 157 -11.95 -1.71 0.70
CA ALA A 157 -11.56 -1.82 -0.73
C ALA A 157 -10.82 -3.15 -0.95
N ARG A 158 -9.85 -3.43 -0.09
CA ARG A 158 -9.00 -4.64 -0.18
C ARG A 158 -9.88 -5.89 -0.08
N LYS A 159 -10.88 -5.86 0.79
CA LYS A 159 -11.83 -6.98 0.99
C LYS A 159 -12.63 -7.23 -0.30
N ILE A 160 -13.14 -6.17 -0.93
CA ILE A 160 -13.88 -6.31 -2.22
C ILE A 160 -12.94 -6.99 -3.23
N LEU A 161 -11.74 -6.46 -3.40
CA LEU A 161 -10.83 -6.90 -4.49
C LEU A 161 -10.31 -8.31 -4.17
N HIS A 162 -10.23 -8.68 -2.88
CA HIS A 162 -9.91 -10.09 -2.50
C HIS A 162 -10.98 -11.02 -3.08
N ALA A 163 -12.26 -10.73 -2.83
CA ALA A 163 -13.41 -11.52 -3.35
C ALA A 163 -13.33 -11.54 -4.88
N CYS A 164 -13.06 -10.38 -5.52
CA CYS A 164 -13.06 -10.25 -7.00
C CYS A 164 -12.08 -11.26 -7.62
N LEU A 165 -10.94 -11.57 -6.97
CA LEU A 165 -9.94 -12.50 -7.58
C LEU A 165 -10.07 -13.91 -7.00
N HIS A 166 -10.58 -14.09 -5.78
CA HIS A 166 -10.42 -15.36 -5.03
C HIS A 166 -11.76 -16.04 -4.68
N GLN A 167 -12.92 -15.46 -5.04
CA GLN A 167 -14.26 -15.89 -4.56
C GLN A 167 -14.41 -17.44 -4.53
N GLY A 168 -14.15 -18.16 -5.60
CA GLY A 168 -14.52 -19.60 -5.65
C GLY A 168 -13.57 -20.55 -4.91
N GLU A 169 -12.62 -20.01 -4.15
CA GLU A 169 -11.52 -20.79 -3.51
C GLU A 169 -11.98 -21.21 -2.11
N GLN A 170 -12.40 -20.25 -1.27
CA GLN A 170 -12.87 -20.48 0.12
C GLN A 170 -13.91 -21.61 0.11
N GLY A 171 -14.95 -21.48 -0.70
CA GLY A 171 -16.03 -22.48 -0.85
C GLY A 171 -16.56 -22.50 -2.28
N GLU A 172 -17.79 -22.03 -2.50
CA GLU A 172 -18.35 -21.89 -3.87
C GLU A 172 -18.60 -20.40 -4.17
N GLY A 173 -18.85 -20.10 -5.44
CA GLY A 173 -18.75 -18.75 -6.03
C GLY A 173 -17.74 -18.74 -7.16
N ASP A 174 -17.65 -17.61 -7.87
CA ASP A 174 -16.73 -17.43 -9.02
C ASP A 174 -16.08 -16.06 -8.91
N PRO A 175 -14.80 -15.93 -9.33
CA PRO A 175 -14.13 -14.64 -9.35
C PRO A 175 -14.70 -13.78 -10.48
N MET A 176 -14.49 -12.47 -10.41
CA MET A 176 -14.97 -11.52 -11.45
C MET A 176 -13.89 -11.36 -12.54
N TRP A 177 -12.67 -11.82 -12.27
CA TRP A 177 -11.57 -11.87 -13.27
C TRP A 177 -11.28 -13.33 -13.64
N GLU A 178 -11.19 -13.61 -14.93
CA GLU A 178 -10.78 -14.94 -15.47
C GLU A 178 -9.27 -15.09 -15.27
N PRO A 179 -8.81 -16.04 -14.41
CA PRO A 179 -7.37 -16.19 -14.13
C PRO A 179 -6.51 -16.36 -15.39
N SER A 180 -7.02 -17.12 -16.37
CA SER A 180 -6.25 -17.52 -17.57
C SER A 180 -5.85 -16.31 -18.41
N ASN A 181 -6.69 -15.27 -18.50
CA ASN A 181 -6.45 -14.12 -19.42
C ASN A 181 -6.42 -12.77 -18.67
N ARG A 182 -6.61 -12.73 -17.34
CA ARG A 182 -6.55 -11.50 -16.49
C ARG A 182 -7.61 -10.48 -16.91
N LEU A 183 -8.74 -10.92 -17.49
CA LEU A 183 -9.81 -10.03 -18.00
C LEU A 183 -11.01 -10.04 -17.04
N ILE A 184 -11.59 -8.86 -16.81
CA ILE A 184 -12.86 -8.74 -16.04
C ILE A 184 -13.98 -9.39 -16.86
N LYS A 185 -14.90 -10.04 -16.17
CA LYS A 185 -16.07 -10.71 -16.78
C LYS A 185 -17.30 -9.81 -16.70
N PHE A 186 -18.29 -10.07 -17.57
CA PHE A 186 -19.64 -9.47 -17.51
C PHE A 186 -20.29 -9.78 -16.16
N ILE A 187 -20.37 -11.06 -15.76
CA ILE A 187 -20.78 -11.51 -14.39
C ILE A 187 -19.92 -12.72 -14.03
N PRO A 188 -19.82 -13.09 -12.73
CA PRO A 188 -18.92 -14.17 -12.33
C PRO A 188 -19.15 -15.51 -13.06
N GLU A 189 -20.39 -15.82 -13.43
CA GLU A 189 -20.75 -17.18 -13.94
C GLU A 189 -20.49 -17.31 -15.43
N LEU A 190 -20.39 -16.20 -16.19
CA LEU A 190 -20.37 -16.30 -17.69
C LEU A 190 -18.97 -16.03 -18.24
N PRO A 191 -18.53 -16.78 -19.28
CA PRO A 191 -17.19 -16.63 -19.87
C PRO A 191 -17.15 -15.61 -21.03
N PHE A 192 -17.65 -14.40 -20.81
CA PHE A 192 -17.42 -13.25 -21.72
C PHE A 192 -17.37 -11.98 -20.90
N SER A 193 -17.14 -10.85 -21.56
CA SER A 193 -16.83 -9.58 -20.88
C SER A 193 -17.70 -8.45 -21.45
N ASP A 194 -17.41 -7.25 -21.00
CA ASP A 194 -18.13 -5.99 -21.35
C ASP A 194 -17.04 -4.95 -21.47
N PRO A 195 -16.66 -4.50 -22.69
CA PRO A 195 -15.57 -3.55 -22.87
C PRO A 195 -15.59 -2.33 -21.94
N SER A 196 -16.78 -1.78 -21.67
CA SER A 196 -16.98 -0.61 -20.76
C SER A 196 -16.51 -0.91 -19.32
N TYR A 197 -16.37 -2.17 -18.93
CA TYR A 197 -15.97 -2.57 -17.56
C TYR A 197 -14.44 -2.56 -17.40
N HIS A 198 -13.69 -2.44 -18.49
CA HIS A 198 -12.20 -2.51 -18.49
C HIS A 198 -11.64 -1.14 -18.08
N LEU A 199 -11.02 -1.10 -16.91
CA LEU A 199 -10.48 0.12 -16.27
C LEU A 199 -9.01 -0.13 -15.95
N PRO A 200 -8.13 -0.21 -16.98
CA PRO A 200 -6.70 -0.47 -16.77
C PRO A 200 -6.06 0.56 -15.82
N HIS A 201 -6.49 1.81 -15.89
CA HIS A 201 -6.03 2.92 -15.01
C HIS A 201 -6.35 2.63 -13.54
N PHE A 202 -7.50 1.98 -13.25
CA PHE A 202 -7.85 1.59 -11.86
C PHE A 202 -6.99 0.39 -11.45
N TYR A 203 -6.73 -0.56 -12.35
CA TYR A 203 -5.94 -1.79 -12.05
C TYR A 203 -4.49 -1.37 -11.74
N GLU A 204 -3.92 -0.40 -12.45
CA GLU A 204 -2.59 0.20 -12.12
C GLU A 204 -2.58 0.58 -10.65
N LEU A 205 -3.66 1.19 -10.16
CA LEU A 205 -3.76 1.70 -8.76
C LEU A 205 -4.08 0.55 -7.79
N PHE A 206 -4.89 -0.43 -8.18
CA PHE A 206 -5.11 -1.66 -7.36
C PHE A 206 -3.75 -2.36 -7.16
N ALA A 207 -2.85 -2.33 -8.15
CA ALA A 207 -1.47 -2.87 -8.09
C ALA A 207 -0.67 -2.17 -6.98
N GLN A 208 -1.05 -0.95 -6.60
CA GLN A 208 -0.36 -0.16 -5.56
C GLN A 208 -1.01 -0.38 -4.19
N TYR A 209 -2.33 -0.62 -4.13
CA TYR A 209 -3.12 -0.54 -2.87
C TYR A 209 -3.70 -1.89 -2.44
N ALA A 210 -3.86 -2.88 -3.33
CA ALA A 210 -4.57 -4.15 -3.02
C ALA A 210 -3.73 -4.97 -2.04
N ASN A 211 -4.29 -6.06 -1.54
CA ASN A 211 -3.53 -7.09 -0.78
C ASN A 211 -2.30 -7.46 -1.59
N GLU A 212 -1.16 -7.63 -0.90
CA GLU A 212 0.19 -7.74 -1.50
C GLU A 212 0.26 -8.88 -2.51
N GLN A 213 -0.29 -10.05 -2.17
CA GLN A 213 -0.21 -11.26 -3.02
C GLN A 213 -0.96 -11.02 -4.35
N ASP A 214 -1.87 -10.04 -4.41
CA ASP A 214 -2.67 -9.79 -5.63
C ASP A 214 -2.04 -8.71 -6.53
N ARG A 215 -0.95 -8.06 -6.12
CA ARG A 215 -0.49 -6.83 -6.82
C ARG A 215 0.02 -7.16 -8.22
N THR A 216 0.71 -8.29 -8.40
CA THR A 216 1.26 -8.70 -9.71
C THR A 216 0.10 -8.93 -10.69
N PHE A 217 -0.94 -9.63 -10.26
CA PHE A 217 -2.14 -9.91 -11.09
C PHE A 217 -2.75 -8.58 -11.55
N TRP A 218 -2.89 -7.60 -10.65
CA TRP A 218 -3.54 -6.30 -10.97
C TRP A 218 -2.69 -5.58 -12.03
N LYS A 219 -1.36 -5.64 -11.91
CA LYS A 219 -0.42 -5.08 -12.94
C LYS A 219 -0.64 -5.77 -14.30
N GLU A 220 -0.76 -7.10 -14.32
CA GLU A 220 -1.00 -7.90 -15.55
C GLU A 220 -2.40 -7.59 -16.10
N ALA A 221 -3.40 -7.45 -15.23
CA ALA A 221 -4.79 -7.07 -15.59
C ALA A 221 -4.79 -5.71 -16.30
N ALA A 222 -3.98 -4.75 -15.86
CA ALA A 222 -3.90 -3.41 -16.48
C ALA A 222 -3.49 -3.54 -17.95
N GLU A 223 -2.43 -4.30 -18.23
CA GLU A 223 -1.90 -4.48 -19.60
C GLU A 223 -2.88 -5.34 -20.40
N ALA A 224 -3.42 -6.41 -19.82
CA ALA A 224 -4.38 -7.29 -20.50
C ALA A 224 -5.63 -6.50 -20.92
N SER A 225 -6.12 -5.59 -20.07
CA SER A 225 -7.32 -4.76 -20.39
C SER A 225 -7.01 -3.75 -21.48
N ARG A 226 -5.82 -3.11 -21.47
CA ARG A 226 -5.38 -2.19 -22.55
C ARG A 226 -5.37 -2.93 -23.88
N ALA A 227 -4.79 -4.14 -23.91
CA ALA A 227 -4.72 -5.00 -25.11
C ALA A 227 -6.14 -5.41 -25.52
N TYR A 228 -6.99 -5.83 -24.58
CA TYR A 228 -8.40 -6.22 -24.85
C TYR A 228 -9.14 -5.07 -25.56
N LEU A 229 -9.06 -3.85 -25.03
CA LEU A 229 -9.79 -2.68 -25.59
C LEU A 229 -9.32 -2.42 -27.04
N ARG A 230 -8.02 -2.61 -27.32
CA ARG A 230 -7.44 -2.51 -28.69
C ARG A 230 -8.16 -3.51 -29.61
N THR A 231 -8.50 -4.71 -29.12
CA THR A 231 -9.20 -5.74 -29.94
C THR A 231 -10.72 -5.47 -30.01
N ALA A 232 -11.29 -4.69 -29.10
CA ALA A 232 -12.77 -4.54 -28.97
C ALA A 232 -13.31 -3.40 -29.83
N CYS A 233 -12.47 -2.43 -30.19
CA CYS A 233 -12.92 -1.20 -30.89
C CYS A 233 -12.77 -1.39 -32.40
N HIS A 234 -13.79 -1.03 -33.16
CA HIS A 234 -13.79 -1.24 -34.63
C HIS A 234 -12.65 -0.40 -35.22
N PRO A 235 -11.82 -0.95 -36.13
CA PRO A 235 -10.67 -0.20 -36.62
C PRO A 235 -10.94 1.10 -37.39
N VAL A 236 -12.13 1.27 -37.98
CA VAL A 236 -12.50 2.49 -38.78
C VAL A 236 -13.31 3.45 -37.91
N THR A 237 -14.34 2.95 -37.24
CA THR A 237 -15.36 3.77 -36.52
C THR A 237 -14.92 4.11 -35.08
N GLY A 238 -14.13 3.22 -34.44
CA GLY A 238 -13.80 3.33 -33.01
C GLY A 238 -14.94 2.90 -32.11
N LEU A 239 -16.02 2.34 -32.67
CA LEU A 239 -17.21 1.86 -31.94
C LEU A 239 -16.91 0.47 -31.40
N SER A 240 -17.44 0.17 -30.22
CA SER A 240 -17.29 -1.11 -29.52
C SER A 240 -18.68 -1.66 -29.20
N PRO A 241 -18.81 -2.99 -29.09
CA PRO A 241 -20.07 -3.60 -28.65
C PRO A 241 -20.21 -3.50 -27.14
N GLU A 242 -21.46 -3.52 -26.65
CA GLU A 242 -21.79 -3.50 -25.20
C GLU A 242 -21.23 -4.75 -24.53
N TYR A 243 -21.50 -5.95 -25.07
CA TYR A 243 -20.94 -7.24 -24.55
C TYR A 243 -20.04 -7.86 -25.61
N ALA A 244 -18.88 -8.36 -25.20
CA ALA A 244 -17.86 -8.91 -26.11
C ALA A 244 -17.20 -10.17 -25.52
N ASN A 245 -16.84 -11.08 -26.41
CA ASN A 245 -16.06 -12.31 -26.13
C ASN A 245 -14.65 -11.88 -25.68
N TYR A 246 -13.88 -12.81 -25.09
CA TYR A 246 -12.49 -12.57 -24.63
C TYR A 246 -11.60 -12.19 -25.84
N ASP A 247 -11.97 -12.57 -27.07
CA ASP A 247 -11.21 -12.23 -28.30
C ASP A 247 -11.61 -10.84 -28.80
N GLY A 248 -12.60 -10.20 -28.17
CA GLY A 248 -12.97 -8.79 -28.41
C GLY A 248 -14.14 -8.65 -29.38
N THR A 249 -14.58 -9.76 -29.98
CA THR A 249 -15.70 -9.75 -30.98
C THR A 249 -17.01 -9.65 -30.20
N PRO A 250 -18.09 -9.09 -30.79
CA PRO A 250 -19.38 -9.03 -30.10
C PRO A 250 -19.84 -10.39 -29.56
N ALA A 251 -20.28 -10.43 -28.30
CA ALA A 251 -20.79 -11.64 -27.64
C ALA A 251 -22.09 -12.07 -28.33
N PRO A 252 -22.51 -13.36 -28.21
CA PRO A 252 -23.83 -13.78 -28.68
C PRO A 252 -24.98 -12.97 -28.07
N VAL A 253 -26.08 -12.87 -28.83
CA VAL A 253 -27.37 -12.32 -28.34
C VAL A 253 -27.66 -13.04 -27.02
N GLN A 254 -28.09 -12.31 -25.98
CA GLN A 254 -28.42 -12.89 -24.66
C GLN A 254 -29.94 -12.95 -24.51
N LEU A 255 -30.41 -13.65 -23.47
CA LEU A 255 -31.87 -13.88 -23.25
C LEU A 255 -32.53 -12.53 -22.92
N HIS A 256 -31.80 -11.63 -22.26
CA HIS A 256 -32.32 -10.32 -21.75
C HIS A 256 -32.05 -9.17 -22.75
N GLY A 257 -31.40 -9.43 -23.90
CA GLY A 257 -31.21 -8.38 -24.92
C GLY A 257 -30.11 -8.68 -25.92
N ASP A 258 -30.05 -7.88 -26.98
CA ASP A 258 -29.00 -7.87 -28.02
C ASP A 258 -27.97 -6.80 -27.61
N PHE A 259 -26.76 -7.21 -27.24
CA PHE A 259 -25.72 -6.30 -26.70
C PHE A 259 -24.53 -6.26 -27.67
N ARG A 260 -24.77 -6.55 -28.97
CA ARG A 260 -23.70 -6.68 -29.99
C ARG A 260 -23.34 -5.31 -30.60
N HIS A 261 -24.12 -4.29 -30.32
CA HIS A 261 -24.08 -2.99 -31.05
C HIS A 261 -23.52 -1.91 -30.13
N PHE A 262 -23.26 -0.73 -30.72
CA PHE A 262 -22.83 0.47 -29.99
C PHE A 262 -24.05 1.14 -29.37
N TYR A 263 -24.18 1.01 -28.05
CA TYR A 263 -25.33 1.49 -27.25
C TYR A 263 -24.83 1.77 -25.83
N SER A 264 -25.76 2.04 -24.91
CA SER A 264 -25.56 2.64 -23.56
C SER A 264 -24.22 2.26 -22.91
N ASP A 265 -23.96 0.97 -22.66
CA ASP A 265 -22.75 0.52 -21.91
C ASP A 265 -21.48 1.03 -22.62
N ALA A 266 -21.43 0.90 -23.94
CA ALA A 266 -20.20 1.03 -24.75
C ALA A 266 -19.75 2.49 -24.81
N TYR A 267 -20.63 3.43 -24.48
CA TYR A 267 -20.31 4.88 -24.48
C TYR A 267 -19.10 5.12 -23.57
N ARG A 268 -19.01 4.38 -22.47
CA ARG A 268 -17.99 4.62 -21.41
C ARG A 268 -16.60 4.23 -21.95
N VAL A 269 -16.52 3.37 -22.96
CA VAL A 269 -15.21 2.88 -23.48
C VAL A 269 -14.33 4.08 -23.86
N ALA A 270 -14.81 5.02 -24.68
CA ALA A 270 -14.02 6.19 -25.13
C ALA A 270 -13.57 7.01 -23.92
N ALA A 271 -14.44 7.15 -22.91
CA ALA A 271 -14.18 7.94 -21.68
C ALA A 271 -13.09 7.25 -20.83
N ASN A 272 -13.20 5.94 -20.66
CA ASN A 272 -12.25 5.11 -19.87
C ASN A 272 -10.88 5.11 -20.54
N VAL A 273 -10.84 4.87 -21.85
CA VAL A 273 -9.60 4.86 -22.69
C VAL A 273 -8.85 6.20 -22.51
N ALA A 274 -9.58 7.31 -22.62
CA ALA A 274 -9.02 8.68 -22.52
C ALA A 274 -8.50 8.97 -21.11
N LEU A 275 -9.20 8.50 -20.06
CA LEU A 275 -8.76 8.77 -18.67
C LEU A 275 -7.46 7.99 -18.39
N ASP A 276 -7.36 6.75 -18.87
CA ASP A 276 -6.10 5.95 -18.75
C ASP A 276 -4.97 6.71 -19.46
N TRP A 277 -5.20 7.16 -20.70
CA TRP A 277 -4.22 7.99 -21.43
C TRP A 277 -3.75 9.16 -20.55
N GLU A 278 -4.70 9.95 -20.01
CA GLU A 278 -4.41 11.16 -19.20
C GLU A 278 -3.60 10.76 -17.96
N TRP A 279 -4.01 9.71 -17.25
CA TRP A 279 -3.36 9.34 -15.96
C TRP A 279 -1.98 8.70 -16.20
N PHE A 280 -1.84 7.80 -17.17
CA PHE A 280 -0.66 6.90 -17.30
C PHE A 280 0.07 7.06 -18.64
N ARG A 281 -0.58 7.56 -19.70
CA ARG A 281 0.03 7.81 -21.04
C ARG A 281 0.85 6.60 -21.51
N LYS A 282 0.30 5.39 -21.43
CA LYS A 282 1.08 4.14 -21.67
C LYS A 282 0.87 3.63 -23.10
N ASP A 283 -0.35 3.73 -23.64
CA ASP A 283 -0.70 3.07 -24.91
C ASP A 283 -1.12 4.11 -25.94
N PRO A 284 -0.21 4.46 -26.89
CA PRO A 284 -0.49 5.48 -27.90
C PRO A 284 -1.68 5.16 -28.81
N TRP A 285 -2.08 3.89 -28.90
CA TRP A 285 -3.33 3.53 -29.64
C TRP A 285 -4.51 4.35 -29.10
N GLN A 286 -4.47 4.73 -27.82
CA GLN A 286 -5.62 5.40 -27.13
C GLN A 286 -5.87 6.77 -27.75
N VAL A 287 -4.82 7.42 -28.26
CA VAL A 287 -4.95 8.72 -28.98
C VAL A 287 -5.72 8.47 -30.28
N GLN A 288 -5.37 7.40 -30.99
CA GLN A 288 -5.93 7.07 -32.33
C GLN A 288 -7.38 6.61 -32.18
N GLN A 289 -7.66 5.80 -31.16
CA GLN A 289 -9.04 5.36 -30.81
C GLN A 289 -9.91 6.60 -30.53
N SER A 290 -9.40 7.55 -29.76
CA SER A 290 -10.12 8.79 -29.39
C SER A 290 -10.36 9.61 -30.67
N ASN A 291 -9.36 9.73 -31.53
CA ASN A 291 -9.50 10.42 -32.85
C ASN A 291 -10.63 9.75 -33.64
N ARG A 292 -10.64 8.40 -33.72
CA ARG A 292 -11.55 7.65 -34.61
C ARG A 292 -13.01 7.82 -34.14
N ILE A 293 -13.28 7.72 -32.84
CA ILE A 293 -14.68 7.83 -32.35
C ILE A 293 -15.13 9.28 -32.54
N GLN A 294 -14.25 10.27 -32.31
CA GLN A 294 -14.64 11.68 -32.53
C GLN A 294 -14.87 11.95 -34.03
N ALA A 295 -14.08 11.33 -34.93
CA ALA A 295 -14.28 11.47 -36.40
C ALA A 295 -15.61 10.84 -36.80
N PHE A 296 -15.97 9.68 -36.24
CA PHE A 296 -17.25 9.01 -36.56
C PHE A 296 -18.42 9.95 -36.21
N PHE A 297 -18.38 10.62 -35.06
CA PHE A 297 -19.49 11.47 -34.58
C PHE A 297 -19.29 12.95 -34.95
N SER A 298 -18.22 13.32 -35.68
CA SER A 298 -17.87 14.75 -35.94
C SER A 298 -19.02 15.46 -36.61
N ASP A 299 -19.64 14.94 -37.66
CA ASP A 299 -20.76 15.73 -38.24
C ASP A 299 -22.10 15.05 -37.94
N ILE A 300 -22.22 14.33 -36.82
CA ILE A 300 -23.53 13.83 -36.32
C ILE A 300 -24.01 14.71 -35.16
N ASP A 301 -25.06 15.50 -35.36
CA ASP A 301 -25.74 16.24 -34.26
C ASP A 301 -26.22 15.24 -33.21
N VAL A 302 -26.17 15.65 -31.94
CA VAL A 302 -26.66 14.88 -30.76
C VAL A 302 -28.13 14.48 -30.96
N SER A 303 -28.94 15.30 -31.63
CA SER A 303 -30.39 15.04 -31.90
C SER A 303 -30.58 13.84 -32.84
N ASP A 304 -29.52 13.40 -33.52
CA ASP A 304 -29.55 12.28 -34.50
C ASP A 304 -28.83 11.04 -33.99
N TYR A 305 -28.31 11.03 -32.76
CA TYR A 305 -27.59 9.85 -32.21
C TYR A 305 -28.52 8.65 -32.24
N ARG A 306 -28.07 7.53 -32.80
CA ARG A 306 -28.87 6.28 -32.88
C ARG A 306 -28.20 5.18 -32.08
N ARG A 307 -28.80 3.98 -32.11
CA ARG A 307 -28.05 2.71 -31.97
C ARG A 307 -27.28 2.48 -33.28
N TYR A 308 -26.02 2.02 -33.22
CA TYR A 308 -25.20 1.73 -34.42
C TYR A 308 -24.61 0.32 -34.31
N THR A 309 -24.45 -0.38 -35.43
CA THR A 309 -23.55 -1.55 -35.53
C THR A 309 -22.14 -1.00 -35.31
N ILE A 310 -21.19 -1.82 -34.85
CA ILE A 310 -19.80 -1.33 -34.60
C ILE A 310 -19.17 -0.91 -35.94
N GLU A 311 -19.69 -1.41 -37.06
CA GLU A 311 -19.25 -1.06 -38.44
C GLU A 311 -19.78 0.32 -38.84
N GLY A 312 -20.70 0.89 -38.07
CA GLY A 312 -21.13 2.30 -38.20
C GLY A 312 -22.48 2.45 -38.87
N GLU A 313 -23.20 1.35 -39.08
CA GLU A 313 -24.53 1.36 -39.74
C GLU A 313 -25.58 1.82 -38.73
N PRO A 314 -26.29 2.94 -39.02
CA PRO A 314 -27.27 3.47 -38.07
C PRO A 314 -28.57 2.68 -38.12
N PHE A 315 -29.13 2.38 -36.95
CA PHE A 315 -30.52 1.88 -36.80
C PHE A 315 -31.45 3.11 -36.84
N ASN A 316 -32.73 2.90 -37.15
CA ASN A 316 -33.81 3.90 -36.96
C ASN A 316 -33.89 4.25 -35.46
N GLU A 317 -33.75 3.26 -34.59
CA GLU A 317 -33.90 3.40 -33.12
C GLU A 317 -32.94 4.47 -32.62
N PRO A 318 -33.41 5.46 -31.83
CA PRO A 318 -32.55 6.51 -31.32
C PRO A 318 -31.68 5.98 -30.16
N ALA A 319 -30.56 6.64 -29.88
CA ALA A 319 -29.81 6.43 -28.62
C ALA A 319 -30.77 6.75 -27.47
N LEU A 320 -30.87 5.86 -26.48
CA LEU A 320 -31.68 6.10 -25.26
C LEU A 320 -31.04 7.21 -24.43
N HIS A 321 -29.71 7.26 -24.39
CA HIS A 321 -28.94 8.23 -23.57
C HIS A 321 -28.02 9.05 -24.46
N PRO A 322 -28.56 9.99 -25.29
CA PRO A 322 -27.75 10.74 -26.24
C PRO A 322 -26.83 11.77 -25.57
N VAL A 323 -27.24 12.32 -24.44
CA VAL A 323 -26.40 13.29 -23.69
C VAL A 323 -25.23 12.52 -23.07
N GLY A 324 -25.48 11.35 -22.48
CA GLY A 324 -24.42 10.42 -22.07
C GLY A 324 -23.40 10.19 -23.19
N LEU A 325 -23.86 9.85 -24.39
CA LEU A 325 -22.98 9.56 -25.56
C LEU A 325 -22.10 10.78 -25.86
N LEU A 326 -22.71 11.96 -25.94
CA LEU A 326 -21.98 13.22 -26.22
C LEU A 326 -20.95 13.45 -25.10
N ALA A 327 -21.34 13.26 -23.83
CA ALA A 327 -20.43 13.41 -22.68
C ALA A 327 -19.17 12.53 -22.89
N THR A 328 -19.34 11.27 -23.29
CA THR A 328 -18.21 10.31 -23.43
C THR A 328 -17.36 10.70 -24.65
N ASN A 329 -18.01 11.12 -25.75
CA ASN A 329 -17.37 11.64 -26.98
C ASN A 329 -16.49 12.85 -26.63
N ALA A 330 -16.95 13.73 -25.73
CA ALA A 330 -16.22 14.94 -25.30
C ALA A 330 -15.07 14.52 -24.38
N MET A 331 -15.30 13.55 -23.48
CA MET A 331 -14.24 13.09 -22.55
C MET A 331 -13.03 12.51 -23.31
N ALA A 332 -13.25 11.95 -24.50
CA ALA A 332 -12.19 11.43 -25.40
C ALA A 332 -11.18 12.54 -25.78
N SER A 333 -11.53 13.81 -25.61
CA SER A 333 -10.61 14.94 -25.88
C SER A 333 -9.46 14.95 -24.87
N LEU A 334 -9.53 14.15 -23.80
CA LEU A 334 -8.37 13.93 -22.89
C LEU A 334 -7.22 13.31 -23.68
N ALA A 335 -7.51 12.48 -24.69
CA ALA A 335 -6.48 11.77 -25.49
C ALA A 335 -6.45 12.27 -26.94
N ALA A 336 -7.57 12.67 -27.55
CA ALA A 336 -7.65 12.99 -28.99
C ALA A 336 -6.73 14.18 -29.29
N ASP A 337 -6.02 14.14 -30.42
CA ASP A 337 -5.24 15.29 -30.96
C ASP A 337 -5.73 15.63 -32.37
N GLY A 338 -6.85 15.05 -32.82
CA GLY A 338 -7.41 15.24 -34.18
C GLY A 338 -8.16 16.56 -34.30
N PRO A 339 -8.83 16.80 -35.44
CA PRO A 339 -9.48 18.08 -35.69
C PRO A 339 -10.79 18.33 -34.93
N ASP A 340 -11.29 17.34 -34.19
CA ASP A 340 -12.65 17.36 -33.59
C ASP A 340 -12.58 17.60 -32.08
N ALA A 341 -11.38 17.53 -31.48
CA ALA A 341 -11.16 17.52 -30.02
C ALA A 341 -11.78 18.76 -29.38
N ASP A 342 -11.50 19.94 -29.92
CA ASP A 342 -11.88 21.23 -29.30
C ASP A 342 -13.39 21.44 -29.47
N SER A 343 -13.91 21.14 -30.65
CA SER A 343 -15.35 21.21 -31.00
C SER A 343 -16.20 20.41 -29.99
N PHE A 344 -15.76 19.21 -29.63
CA PHE A 344 -16.49 18.32 -28.69
C PHE A 344 -16.49 18.93 -27.28
N VAL A 345 -15.39 19.55 -26.86
CA VAL A 345 -15.30 20.21 -25.52
C VAL A 345 -16.36 21.34 -25.48
N LYS A 346 -16.40 22.17 -26.53
CA LYS A 346 -17.35 23.30 -26.65
C LYS A 346 -18.80 22.78 -26.70
N ARG A 347 -19.07 21.74 -27.50
CA ARG A 347 -20.42 21.15 -27.64
C ARG A 347 -20.90 20.69 -26.27
N PHE A 348 -20.00 20.07 -25.50
CA PHE A 348 -20.32 19.55 -24.14
C PHE A 348 -20.58 20.74 -23.20
N TRP A 349 -19.69 21.73 -23.17
CA TRP A 349 -19.87 22.97 -22.37
C TRP A 349 -21.28 23.53 -22.61
N ASN A 350 -21.72 23.54 -23.87
CA ASN A 350 -22.99 24.19 -24.29
C ASN A 350 -24.18 23.25 -24.08
N THR A 351 -23.96 22.08 -23.48
CA THR A 351 -25.03 21.10 -23.18
C THR A 351 -25.39 21.18 -21.70
N PRO A 352 -26.67 21.43 -21.37
CA PRO A 352 -27.12 21.35 -19.98
C PRO A 352 -27.32 19.90 -19.54
N LEU A 353 -27.41 19.69 -18.23
CA LEU A 353 -27.77 18.38 -17.64
C LEU A 353 -29.05 17.92 -18.31
N ARG A 354 -29.24 16.62 -18.43
CA ARG A 354 -30.51 16.06 -18.96
C ARG A 354 -31.57 16.17 -17.87
N GLN A 355 -32.83 16.36 -18.27
CA GLN A 355 -34.02 16.38 -17.38
C GLN A 355 -34.96 15.26 -17.80
N GLY A 356 -35.93 14.93 -16.95
CA GLY A 356 -36.95 13.91 -17.25
C GLY A 356 -36.52 12.53 -16.79
N LYS A 357 -37.34 11.54 -17.10
CA LYS A 357 -37.32 10.25 -16.38
C LYS A 357 -36.07 9.43 -16.73
N ARG A 358 -35.44 9.66 -17.88
N ARG A 358 -35.44 9.66 -17.89
CA ARG A 358 -34.31 8.82 -18.33
CA ARG A 358 -34.31 8.82 -18.35
C ARG A 358 -32.97 9.47 -18.01
C ARG A 358 -32.97 9.49 -18.04
N ARG A 359 -32.96 10.55 -17.21
CA ARG A 359 -31.77 11.43 -17.07
C ARG A 359 -30.60 10.77 -16.33
N TYR A 360 -30.83 9.76 -15.49
CA TYR A 360 -29.81 9.24 -14.56
C TYR A 360 -28.51 8.89 -15.30
N TYR A 361 -28.56 8.02 -16.33
CA TYR A 361 -27.33 7.49 -16.98
C TYR A 361 -26.61 8.60 -17.74
N ASP A 362 -27.36 9.42 -18.47
CA ASP A 362 -26.82 10.62 -19.16
C ASP A 362 -26.04 11.48 -18.16
N ASN A 363 -26.61 11.73 -16.98
CA ASN A 363 -26.11 12.76 -16.04
C ASN A 363 -24.90 12.21 -15.25
N CYS A 364 -24.86 10.89 -15.02
CA CYS A 364 -23.66 10.21 -14.46
C CYS A 364 -22.47 10.45 -15.40
N LEU A 365 -22.63 10.10 -16.68
CA LEU A 365 -21.56 10.24 -17.70
C LEU A 365 -21.21 11.72 -17.84
N TYR A 366 -22.23 12.58 -17.83
CA TYR A 366 -22.10 14.05 -17.88
C TYR A 366 -21.19 14.53 -16.73
N PHE A 367 -21.42 14.08 -15.50
CA PHE A 367 -20.63 14.54 -14.33
C PHE A 367 -19.16 14.11 -14.48
N PHE A 368 -18.90 12.88 -14.90
CA PHE A 368 -17.50 12.40 -15.05
C PHE A 368 -16.79 13.25 -16.11
N THR A 369 -17.47 13.59 -17.21
CA THR A 369 -16.90 14.44 -18.28
C THR A 369 -16.63 15.85 -17.73
N MET A 370 -17.51 16.39 -16.89
CA MET A 370 -17.34 17.74 -16.27
C MET A 370 -16.07 17.72 -15.41
N LEU A 371 -15.91 16.70 -14.57
CA LEU A 371 -14.69 16.49 -13.77
C LEU A 371 -13.47 16.40 -14.70
N ALA A 372 -13.49 15.48 -15.66
CA ALA A 372 -12.32 15.19 -16.52
C ALA A 372 -11.90 16.44 -17.32
N LEU A 373 -12.86 17.13 -17.98
CA LEU A 373 -12.49 18.21 -18.93
C LEU A 373 -12.09 19.46 -18.15
N SER A 374 -12.31 19.50 -16.84
CA SER A 374 -11.90 20.63 -15.97
C SER A 374 -10.59 20.29 -15.24
N GLY A 375 -9.98 19.13 -15.51
CA GLY A 375 -8.77 18.67 -14.83
C GLY A 375 -9.01 18.22 -13.40
N ASN A 376 -10.23 17.82 -13.05
CA ASN A 376 -10.63 17.50 -11.65
C ASN A 376 -10.97 16.03 -11.47
N TYR A 377 -10.70 15.16 -12.45
CA TYR A 377 -10.80 13.68 -12.32
C TYR A 377 -9.38 13.17 -12.09
N ARG A 378 -9.02 12.97 -10.82
CA ARG A 378 -7.62 12.88 -10.38
C ARG A 378 -7.35 11.60 -9.61
N VAL A 379 -6.09 11.17 -9.63
CA VAL A 379 -5.55 10.13 -8.72
C VAL A 379 -5.27 10.82 -7.38
N TYR A 380 -5.83 10.30 -6.29
CA TYR A 380 -5.46 10.65 -4.89
C TYR A 380 -4.52 9.56 -4.39
N GLN A 381 -3.22 9.88 -4.39
CA GLN A 381 -2.13 8.92 -4.10
C GLN A 381 -1.89 8.82 -2.60
N GLN A 382 -1.14 7.82 -2.20
CA GLN A 382 -0.45 7.76 -0.88
C GLN A 382 0.75 8.67 -0.98
N ALA A 383 0.65 9.86 -0.43
CA ALA A 383 1.73 10.86 -0.55
C ALA A 383 1.86 11.65 0.73
N ALA A 384 2.98 12.34 0.88
CA ALA A 384 3.26 13.32 1.94
C ALA A 384 2.21 14.42 1.86
N ALA A 385 1.60 14.78 3.00
CA ALA A 385 0.65 15.92 3.12
C ALA A 385 1.44 17.22 3.02
N LYS B 6 11.93 -19.91 -2.25
CA LYS B 6 11.17 -18.68 -1.84
C LYS B 6 11.11 -18.60 -0.30
N GLY B 7 11.01 -17.38 0.23
CA GLY B 7 11.11 -17.10 1.66
C GLY B 7 9.76 -17.17 2.34
N ALA B 8 9.73 -16.94 3.66
CA ALA B 8 8.51 -16.91 4.50
C ALA B 8 7.56 -15.82 4.01
N TYR B 9 8.06 -14.71 3.46
CA TYR B 9 7.20 -13.61 2.93
C TYR B 9 6.23 -14.19 1.89
N ASP B 10 6.73 -15.09 1.04
CA ASP B 10 6.00 -15.68 -0.11
C ASP B 10 5.17 -16.90 0.35
N THR B 11 5.74 -17.76 1.20
CA THR B 11 5.15 -19.08 1.56
C THR B 11 4.26 -18.97 2.80
N GLY B 12 4.50 -18.00 3.69
CA GLY B 12 3.85 -17.90 5.01
C GLY B 12 4.30 -18.99 5.98
N THR B 13 5.32 -19.78 5.66
CA THR B 13 5.86 -20.80 6.60
C THR B 13 7.21 -20.31 7.14
N TYR B 14 7.29 -20.27 8.48
CA TYR B 14 8.45 -19.78 9.26
C TYR B 14 9.17 -20.99 9.88
N ALA B 15 10.48 -21.10 9.66
CA ALA B 15 11.33 -22.12 10.29
C ALA B 15 11.23 -21.96 11.82
N ASN B 16 10.97 -23.06 12.53
CA ASN B 16 11.01 -23.14 14.01
C ASN B 16 12.22 -23.99 14.36
N LEU B 17 13.36 -23.33 14.58
CA LEU B 17 14.66 -24.02 14.78
C LEU B 17 14.68 -24.68 16.15
N PHE B 18 13.97 -24.14 17.13
CA PHE B 18 13.87 -24.77 18.47
C PHE B 18 13.19 -26.14 18.31
N GLN B 19 12.09 -26.21 17.55
CA GLN B 19 11.33 -27.48 17.33
C GLN B 19 12.22 -28.46 16.56
N ARG B 20 12.98 -27.96 15.59
CA ARG B 20 13.96 -28.74 14.79
C ARG B 20 15.03 -29.33 15.71
N SER B 21 15.39 -28.65 16.81
CA SER B 21 16.41 -29.12 17.78
C SER B 21 15.80 -30.09 18.82
N GLY B 22 14.48 -30.26 18.85
CA GLY B 22 13.82 -31.29 19.70
C GLY B 22 13.08 -30.70 20.90
N TYR B 23 12.98 -29.36 21.01
CA TYR B 23 12.13 -28.68 22.03
C TYR B 23 10.66 -28.84 21.60
N ARG B 24 9.75 -28.98 22.57
CA ARG B 24 8.30 -29.22 22.30
C ARG B 24 7.62 -27.89 21.96
N GLU B 25 6.61 -27.94 21.09
CA GLU B 25 5.85 -26.76 20.61
C GLU B 25 5.38 -25.93 21.82
N ASP B 26 4.75 -26.58 22.81
CA ASP B 26 4.17 -25.92 24.01
C ASP B 26 5.29 -25.38 24.90
N GLU B 27 6.42 -26.09 25.01
CA GLU B 27 7.61 -25.64 25.77
C GLU B 27 8.18 -24.35 25.14
N ILE B 28 8.27 -24.32 23.81
CA ILE B 28 8.83 -23.16 23.05
C ILE B 28 7.93 -21.92 23.30
N LYS B 29 6.63 -22.02 23.11
CA LYS B 29 5.75 -20.82 23.21
C LYS B 29 5.67 -20.37 24.66
N ALA B 30 5.67 -21.29 25.64
CA ALA B 30 5.77 -20.96 27.08
C ALA B 30 7.05 -20.16 27.31
N ARG B 31 8.19 -20.62 26.78
CA ARG B 31 9.51 -19.96 27.00
C ARG B 31 9.50 -18.53 26.41
N LEU B 32 8.87 -18.37 25.25
CA LEU B 32 8.78 -17.06 24.55
C LEU B 32 7.92 -16.10 25.40
N GLU B 33 6.76 -16.58 25.87
CA GLU B 33 5.84 -15.81 26.76
C GLU B 33 6.57 -15.42 28.06
N GLN B 34 7.30 -16.35 28.68
CA GLN B 34 8.09 -16.12 29.92
C GLN B 34 9.15 -15.04 29.66
N THR B 35 9.81 -15.06 28.50
CA THR B 35 10.84 -14.08 28.12
C THR B 35 10.19 -12.70 28.03
N TRP B 36 9.03 -12.59 27.37
CA TRP B 36 8.24 -11.33 27.26
C TRP B 36 7.88 -10.84 28.67
N ASN B 37 7.28 -11.70 29.48
CA ASN B 37 6.87 -11.41 30.89
C ASN B 37 8.05 -10.85 31.70
N ASP B 38 9.21 -11.51 31.66
CA ASP B 38 10.41 -11.06 32.42
C ASP B 38 10.88 -9.69 31.91
N LEU B 39 10.98 -9.51 30.60
CA LEU B 39 11.54 -8.27 30.01
C LEU B 39 10.60 -7.08 30.25
N PHE B 40 9.28 -7.29 30.12
CA PHE B 40 8.27 -6.19 30.17
C PHE B 40 7.71 -6.00 31.58
N TYR B 41 7.64 -7.05 32.42
CA TYR B 41 6.96 -6.97 33.75
C TYR B 41 7.74 -7.76 34.82
N GLY B 42 9.03 -8.00 34.64
CA GLY B 42 9.85 -8.78 35.60
C GLY B 42 10.36 -7.94 36.77
N ASP B 43 11.34 -8.48 37.51
CA ASP B 43 11.95 -7.83 38.71
C ASP B 43 12.84 -6.67 38.25
N GLU B 44 13.30 -5.85 39.19
CA GLU B 44 13.98 -4.55 38.91
C GLU B 44 15.40 -4.79 38.39
N HIS B 45 15.87 -6.04 38.37
CA HIS B 45 17.22 -6.47 37.90
C HIS B 45 17.12 -7.16 36.54
N THR B 46 15.91 -7.28 35.98
CA THR B 46 15.63 -8.03 34.73
C THR B 46 14.86 -7.14 33.72
N ARG B 47 13.80 -6.46 34.15
CA ARG B 47 12.86 -5.77 33.24
C ARG B 47 13.60 -4.62 32.53
N ILE B 48 13.16 -4.29 31.32
CA ILE B 48 13.71 -3.13 30.57
C ILE B 48 12.59 -2.19 30.10
N TYR B 49 11.33 -2.55 30.35
CA TYR B 49 10.12 -1.75 30.04
C TYR B 49 9.53 -1.22 31.34
N TYR B 50 9.19 0.06 31.34
CA TYR B 50 8.55 0.77 32.48
C TYR B 50 7.36 1.53 31.92
N PRO B 51 6.13 1.18 32.35
CA PRO B 51 4.95 1.99 32.01
C PRO B 51 5.03 3.35 32.73
N VAL B 52 4.48 4.40 32.11
CA VAL B 52 4.46 5.79 32.64
C VAL B 52 3.04 6.34 32.48
N GLY B 53 2.45 6.83 33.58
CA GLY B 53 1.13 7.48 33.60
C GLY B 53 0.07 6.60 32.99
N ASP B 54 -0.87 7.21 32.26
CA ASP B 54 -2.11 6.54 31.76
C ASP B 54 -1.86 5.90 30.40
N ASP B 55 -0.92 6.43 29.59
CA ASP B 55 -0.89 6.12 28.13
C ASP B 55 0.54 6.10 27.57
N LYS B 56 1.57 5.92 28.41
CA LYS B 56 2.98 5.95 27.93
C LYS B 56 3.81 4.84 28.57
N GLY B 57 4.99 4.60 28.00
CA GLY B 57 5.96 3.61 28.49
C GLY B 57 7.27 3.77 27.76
N TYR B 58 8.37 3.29 28.34
CA TYR B 58 9.70 3.40 27.71
C TYR B 58 10.51 2.12 27.95
N MET B 59 11.43 1.89 27.02
CA MET B 59 12.50 0.87 27.12
C MET B 59 13.73 1.61 27.64
N LEU B 60 14.27 1.16 28.77
CA LEU B 60 15.39 1.81 29.46
C LEU B 60 16.69 1.16 29.00
N ASP B 61 17.61 1.95 28.45
CA ASP B 61 19.04 1.54 28.39
C ASP B 61 19.54 1.62 29.82
N THR B 62 19.54 0.47 30.49
CA THR B 62 19.88 0.30 31.93
C THR B 62 21.33 0.74 32.15
N GLY B 63 22.22 0.48 31.18
CA GLY B 63 23.65 0.76 31.31
C GLY B 63 23.96 2.24 31.23
N ASN B 64 23.20 2.99 30.42
CA ASN B 64 23.46 4.42 30.13
C ASN B 64 22.42 5.31 30.81
N ASP B 65 21.46 4.74 31.55
CA ASP B 65 20.43 5.48 32.33
C ASP B 65 19.70 6.46 31.40
N ASP B 66 19.31 5.99 30.23
CA ASP B 66 18.63 6.85 29.23
C ASP B 66 17.72 5.97 28.37
N VAL B 67 16.92 6.63 27.55
CA VAL B 67 15.91 6.02 26.65
C VAL B 67 16.37 6.33 25.24
N ARG B 68 16.52 5.30 24.41
CA ARG B 68 17.11 5.44 23.05
C ARG B 68 16.03 5.18 22.01
N SER B 69 16.10 5.87 20.87
CA SER B 69 15.17 5.66 19.74
C SER B 69 15.28 4.21 19.26
N ALA B 70 16.49 3.63 19.26
CA ALA B 70 16.70 2.21 18.89
C ALA B 70 15.95 1.31 19.87
N GLY B 71 16.07 1.56 21.17
CA GLY B 71 15.39 0.76 22.21
C GLY B 71 13.88 0.92 22.12
N MET B 72 13.38 2.15 21.96
CA MET B 72 11.91 2.39 21.85
C MET B 72 11.37 1.61 20.64
N SER B 73 12.02 1.75 19.49
CA SER B 73 11.63 1.12 18.20
C SER B 73 11.72 -0.40 18.32
N TYR B 74 12.69 -0.94 19.07
CA TYR B 74 12.78 -2.40 19.35
C TYR B 74 11.57 -2.85 20.17
N GLY B 75 11.25 -2.11 21.23
CA GLY B 75 10.12 -2.43 22.10
C GLY B 75 8.84 -2.51 21.28
N MET B 76 8.66 -1.58 20.35
CA MET B 76 7.47 -1.56 19.47
C MET B 76 7.49 -2.78 18.56
N MET B 77 8.63 -3.14 17.98
CA MET B 77 8.73 -4.38 17.17
C MET B 77 8.38 -5.61 18.01
N MET B 78 8.90 -5.71 19.24
CA MET B 78 8.62 -6.86 20.13
C MET B 78 7.10 -6.92 20.43
N ALA B 79 6.50 -5.78 20.73
CA ALA B 79 5.06 -5.67 21.09
C ALA B 79 4.21 -6.12 19.91
N VAL B 80 4.48 -5.62 18.70
CA VAL B 80 3.62 -6.00 17.53
C VAL B 80 3.84 -7.48 17.19
N GLN B 81 5.08 -7.99 17.25
CA GLN B 81 5.35 -9.42 16.97
C GLN B 81 4.61 -10.31 17.98
N MET B 82 4.37 -9.82 19.20
CA MET B 82 3.75 -10.61 20.31
C MET B 82 2.26 -10.30 20.47
N ASP B 83 1.67 -9.47 19.60
CA ASP B 83 0.24 -9.06 19.64
C ASP B 83 -0.06 -8.34 20.95
N LYS B 84 0.78 -7.37 21.33
CA LYS B 84 0.67 -6.64 22.60
C LYS B 84 0.39 -5.17 22.27
N LYS B 85 -0.84 -4.89 21.87
CA LYS B 85 -1.25 -3.54 21.37
C LYS B 85 -1.12 -2.52 22.49
N HIS B 86 -1.50 -2.85 23.72
CA HIS B 86 -1.44 -1.92 24.88
C HIS B 86 0.00 -1.39 25.06
N GLU B 87 0.99 -2.29 25.11
CA GLU B 87 2.42 -1.92 25.30
C GLU B 87 2.92 -1.16 24.05
N PHE B 88 2.53 -1.62 22.86
CA PHE B 88 2.89 -0.96 21.58
C PHE B 88 2.46 0.52 21.64
N ASP B 89 1.19 0.76 21.97
CA ASP B 89 0.59 2.13 21.96
C ASP B 89 1.28 3.03 23.00
N ARG B 90 1.60 2.49 24.17
CA ARG B 90 2.27 3.26 25.24
C ARG B 90 3.68 3.65 24.75
N LEU B 91 4.42 2.70 24.17
CA LEU B 91 5.80 2.95 23.65
C LEU B 91 5.73 4.00 22.55
N TRP B 92 4.87 3.81 21.55
CA TRP B 92 4.77 4.75 20.40
C TRP B 92 4.36 6.14 20.89
N ASN B 93 3.41 6.22 21.82
CA ASN B 93 2.91 7.53 22.33
C ASN B 93 4.07 8.26 23.00
N TYR B 94 4.92 7.53 23.74
CA TYR B 94 6.13 8.08 24.40
C TYR B 94 7.10 8.63 23.34
N ALA B 95 7.44 7.84 22.32
CA ALA B 95 8.37 8.26 21.24
C ALA B 95 7.77 9.47 20.50
N TYR B 96 6.48 9.40 20.19
CA TYR B 96 5.73 10.47 19.47
C TYR B 96 5.75 11.75 20.33
N THR B 97 5.40 11.64 21.61
CA THR B 97 5.27 12.81 22.53
C THR B 97 6.64 13.46 22.75
N TYR B 98 7.67 12.69 23.15
CA TYR B 98 8.94 13.25 23.70
C TYR B 98 10.08 13.31 22.67
N MET B 99 10.14 12.41 21.68
CA MET B 99 11.37 12.25 20.85
C MET B 99 11.17 12.80 19.43
N GLN B 100 9.98 12.72 18.84
CA GLN B 100 9.78 13.13 17.42
C GLN B 100 9.87 14.66 17.33
N HIS B 101 10.70 15.18 16.42
CA HIS B 101 10.76 16.61 16.04
C HIS B 101 9.48 17.00 15.28
N THR B 102 8.86 18.12 15.64
CA THR B 102 7.68 18.69 14.94
C THR B 102 8.09 19.84 14.02
N GLU B 103 9.36 20.28 14.08
CA GLU B 103 9.91 21.42 13.29
C GLU B 103 11.42 21.27 13.15
N GLY B 104 12.00 22.06 12.23
CA GLY B 104 13.46 22.25 12.13
C GLY B 104 14.10 21.23 11.22
N ARG B 105 15.43 21.19 11.24
CA ARG B 105 16.25 20.38 10.31
C ARG B 105 15.99 18.87 10.50
N TYR B 106 15.42 18.46 11.65
CA TYR B 106 15.18 17.02 11.98
C TYR B 106 13.67 16.74 12.07
N LYS B 107 12.81 17.60 11.51
CA LYS B 107 11.34 17.43 11.53
C LYS B 107 10.99 16.00 11.11
N ASP B 108 10.18 15.31 11.93
CA ASP B 108 9.64 13.94 11.72
C ASP B 108 10.67 12.86 12.15
N TYR B 109 11.95 13.20 12.23
CA TYR B 109 13.00 12.33 12.85
C TYR B 109 12.83 12.36 14.38
N PHE B 110 13.54 11.46 15.07
CA PHE B 110 13.46 11.30 16.55
C PHE B 110 14.81 11.61 17.17
N ALA B 111 14.83 12.53 18.14
CA ALA B 111 15.98 12.74 19.05
C ALA B 111 16.43 11.37 19.53
N TRP B 112 17.71 11.03 19.40
CA TRP B 112 18.15 9.62 19.53
C TRP B 112 18.08 9.17 21.00
N HIS B 113 18.16 10.09 21.95
CA HIS B 113 18.03 9.70 23.38
C HIS B 113 17.45 10.83 24.23
N CYS B 114 16.71 10.42 25.24
CA CYS B 114 16.10 11.29 26.27
C CYS B 114 16.27 10.63 27.63
N LYS B 115 16.09 11.43 28.68
CA LYS B 115 15.99 10.95 30.08
C LYS B 115 14.67 10.21 30.20
N PRO B 116 14.55 9.27 31.17
CA PRO B 116 13.28 8.59 31.42
C PRO B 116 12.05 9.53 31.43
N ASP B 117 12.17 10.75 31.96
CA ASP B 117 11.03 11.72 32.06
C ASP B 117 10.72 12.37 30.72
N GLY B 118 11.49 12.08 29.66
CA GLY B 118 11.22 12.58 28.29
C GLY B 118 12.14 13.73 27.88
N THR B 119 12.92 14.27 28.82
CA THR B 119 13.88 15.37 28.57
C THR B 119 14.89 14.89 27.52
N ARG B 120 14.95 15.55 26.36
CA ARG B 120 15.89 15.19 25.28
C ARG B 120 17.32 15.46 25.73
N LEU B 121 18.23 14.52 25.46
CA LEU B 121 19.67 14.62 25.80
C LEU B 121 20.48 15.04 24.56
N SER B 122 19.98 14.74 23.36
CA SER B 122 20.56 15.17 22.06
C SER B 122 19.42 15.37 21.08
N PRO B 123 19.50 16.41 20.22
CA PRO B 123 18.48 16.62 19.18
C PRO B 123 18.66 15.71 17.96
N GLY B 124 19.91 15.33 17.66
CA GLY B 124 20.26 14.48 16.51
C GLY B 124 19.58 13.11 16.54
N PRO B 125 19.20 12.54 15.37
CA PRO B 125 18.59 11.22 15.31
C PRO B 125 19.61 10.09 15.12
N ALA B 126 19.13 8.86 15.24
CA ALA B 126 19.89 7.62 14.95
C ALA B 126 19.07 6.81 13.97
N PRO B 127 19.44 6.82 12.67
CA PRO B 127 18.60 6.23 11.61
C PRO B 127 18.10 4.80 11.88
N ASP B 128 18.81 3.98 12.65
CA ASP B 128 18.31 2.60 12.95
C ASP B 128 17.01 2.69 13.75
N GLY B 129 16.82 3.76 14.52
CA GLY B 129 15.54 4.00 15.23
C GLY B 129 14.40 4.22 14.25
N GLU B 130 14.58 5.18 13.34
CA GLU B 130 13.55 5.58 12.34
C GLU B 130 13.08 4.34 11.59
N GLU B 131 14.00 3.50 11.10
CA GLU B 131 13.61 2.38 10.21
C GLU B 131 12.85 1.31 11.02
N PHE B 132 13.22 1.06 12.28
CA PHE B 132 12.47 0.11 13.14
C PHE B 132 11.09 0.70 13.49
N PHE B 133 11.04 2.00 13.79
CA PHE B 133 9.75 2.71 14.04
C PHE B 133 8.80 2.46 12.87
N ALA B 134 9.26 2.77 11.66
CA ALA B 134 8.47 2.61 10.41
C ALA B 134 7.99 1.17 10.26
N MET B 135 8.91 0.20 10.35
CA MET B 135 8.57 -1.23 10.10
C MET B 135 7.55 -1.69 11.14
N ALA B 136 7.73 -1.32 12.40
CA ALA B 136 6.85 -1.73 13.52
C ALA B 136 5.46 -1.11 13.32
N LEU B 137 5.44 0.14 12.86
CA LEU B 137 4.20 0.91 12.62
C LEU B 137 3.42 0.30 11.45
N PHE B 138 4.10 -0.10 10.37
CA PHE B 138 3.46 -0.79 9.23
C PHE B 138 2.84 -2.11 9.72
N PHE B 139 3.58 -2.90 10.50
CA PHE B 139 3.07 -4.19 11.02
C PHE B 139 1.87 -3.93 11.95
N ALA B 140 1.90 -2.87 12.75
CA ALA B 140 0.78 -2.51 13.67
C ALA B 140 -0.48 -2.20 12.85
N SER B 141 -0.33 -1.43 11.77
CA SER B 141 -1.40 -1.14 10.78
C SER B 141 -1.96 -2.45 10.24
N ASN B 142 -1.09 -3.34 9.76
CA ASN B 142 -1.46 -4.58 9.05
C ASN B 142 -2.14 -5.57 10.03
N ARG B 143 -1.76 -5.56 11.31
CA ARG B 143 -2.30 -6.51 12.33
C ARG B 143 -3.62 -5.98 12.91
N TRP B 144 -3.64 -4.71 13.30
CA TRP B 144 -4.70 -4.13 14.18
C TRP B 144 -5.55 -3.11 13.42
N GLY B 145 -5.11 -2.65 12.24
CA GLY B 145 -5.71 -1.50 11.54
C GLY B 145 -5.32 -0.21 12.21
N ASP B 146 -5.30 0.89 11.47
CA ASP B 146 -5.00 2.24 12.00
C ASP B 146 -6.07 2.64 13.03
N GLY B 147 -5.71 3.57 13.91
CA GLY B 147 -6.63 4.26 14.82
C GLY B 147 -6.61 5.76 14.54
N PRO B 148 -7.20 6.58 15.44
CA PRO B 148 -7.05 8.03 15.38
C PRO B 148 -5.62 8.47 15.72
N ALA B 149 -5.16 9.54 15.08
CA ALA B 149 -3.85 10.18 15.34
C ALA B 149 -3.67 10.33 16.85
N PRO B 150 -2.47 10.03 17.42
CA PRO B 150 -1.28 9.63 16.65
C PRO B 150 -1.13 8.14 16.36
N TYR B 151 -2.20 7.34 16.50
CA TYR B 151 -2.21 5.87 16.34
C TYR B 151 -2.67 5.50 14.92
N ASP B 152 -2.61 6.45 13.98
CA ASP B 152 -2.81 6.22 12.53
C ASP B 152 -1.49 5.62 11.99
N TYR B 153 -1.26 4.35 12.34
CA TYR B 153 0.06 3.68 12.29
C TYR B 153 0.71 3.85 10.91
N GLN B 154 0.03 3.44 9.82
CA GLN B 154 0.66 3.45 8.48
C GLN B 154 0.93 4.89 8.04
N ALA B 155 0.08 5.85 8.41
CA ALA B 155 0.27 7.30 8.08
C ALA B 155 1.53 7.81 8.79
N GLN B 156 1.71 7.45 10.05
CA GLN B 156 2.90 7.82 10.85
C GLN B 156 4.15 7.20 10.22
N ALA B 157 4.09 5.93 9.80
CA ALA B 157 5.26 5.22 9.21
C ALA B 157 5.68 5.93 7.93
N ARG B 158 4.72 6.22 7.06
CA ARG B 158 4.95 6.88 5.73
C ARG B 158 5.58 8.24 5.95
N LYS B 159 5.16 8.96 6.99
CA LYS B 159 5.68 10.31 7.34
C LYS B 159 7.15 10.20 7.73
N ILE B 160 7.51 9.23 8.57
CA ILE B 160 8.94 8.99 8.97
C ILE B 160 9.74 8.75 7.67
N LEU B 161 9.28 7.82 6.83
CA LEU B 161 10.06 7.34 5.67
C LEU B 161 10.12 8.45 4.61
N HIS B 162 9.12 9.34 4.58
CA HIS B 162 9.17 10.55 3.72
C HIS B 162 10.39 11.39 4.13
N ALA B 163 10.50 11.73 5.41
CA ALA B 163 11.62 12.52 5.96
C ALA B 163 12.94 11.78 5.71
N CYS B 164 12.98 10.45 5.90
CA CYS B 164 14.22 9.64 5.73
C CYS B 164 14.81 9.84 4.33
N LEU B 165 13.98 10.00 3.29
CA LEU B 165 14.50 10.14 1.91
C LEU B 165 14.53 11.60 1.47
N HIS B 166 13.69 12.49 2.02
CA HIS B 166 13.41 13.82 1.41
C HIS B 166 13.76 14.98 2.34
N GLN B 167 14.21 14.75 3.57
CA GLN B 167 14.64 15.82 4.52
C GLN B 167 15.66 16.72 3.81
N GLY B 168 15.53 18.03 3.94
CA GLY B 168 16.50 18.97 3.32
C GLY B 168 16.13 19.35 1.88
N GLU B 169 15.15 18.68 1.27
CA GLU B 169 14.41 19.25 0.12
C GLU B 169 13.41 20.25 0.70
N GLN B 170 13.30 21.43 0.11
CA GLN B 170 12.34 22.47 0.57
C GLN B 170 12.64 22.78 2.05
N GLY B 171 13.90 23.05 2.38
CA GLY B 171 14.33 23.53 3.71
C GLY B 171 15.72 23.04 4.07
N GLU B 172 16.05 23.05 5.37
CA GLU B 172 17.35 22.57 5.88
C GLU B 172 17.16 21.18 6.51
N GLY B 173 18.27 20.46 6.65
CA GLY B 173 18.30 19.04 7.06
C GLY B 173 18.91 18.15 5.97
N ASP B 174 19.08 16.87 6.27
CA ASP B 174 19.74 15.88 5.37
C ASP B 174 18.95 14.58 5.41
N PRO B 175 18.86 13.84 4.29
CA PRO B 175 18.20 12.54 4.29
C PRO B 175 19.07 11.50 5.01
N MET B 176 18.48 10.38 5.41
CA MET B 176 19.20 9.31 6.14
C MET B 176 19.73 8.28 5.15
N TRP B 177 19.28 8.35 3.91
CA TRP B 177 19.79 7.53 2.78
C TRP B 177 20.54 8.45 1.82
N GLU B 178 21.74 8.07 1.41
CA GLU B 178 22.54 8.77 0.37
C GLU B 178 21.91 8.45 -0.98
N PRO B 179 21.33 9.45 -1.69
CA PRO B 179 20.64 9.20 -2.96
C PRO B 179 21.53 8.50 -4.01
N SER B 180 22.81 8.83 -4.06
CA SER B 180 23.74 8.35 -5.12
C SER B 180 23.94 6.84 -5.00
N ASN B 181 23.94 6.25 -3.80
CA ASN B 181 24.25 4.79 -3.62
C ASN B 181 23.10 4.01 -2.93
N ARG B 182 21.99 4.66 -2.57
CA ARG B 182 20.80 4.04 -1.91
C ARG B 182 21.17 3.37 -0.57
N LEU B 183 22.21 3.85 0.12
CA LEU B 183 22.70 3.25 1.40
C LEU B 183 22.26 4.11 2.58
N ILE B 184 21.81 3.47 3.67
CA ILE B 184 21.53 4.17 4.94
C ILE B 184 22.84 4.70 5.51
N LYS B 185 22.77 5.87 6.13
CA LYS B 185 23.93 6.55 6.76
C LYS B 185 23.95 6.31 8.26
N PHE B 186 25.12 6.50 8.89
CA PHE B 186 25.31 6.52 10.35
C PHE B 186 24.45 7.64 10.97
N ILE B 187 24.61 8.88 10.49
CA ILE B 187 23.71 10.04 10.82
C ILE B 187 23.50 10.86 9.56
N PRO B 188 22.46 11.71 9.50
CA PRO B 188 22.18 12.47 8.28
C PRO B 188 23.36 13.30 7.73
N GLU B 189 24.20 13.84 8.60
CA GLU B 189 25.23 14.84 8.20
C GLU B 189 26.50 14.16 7.67
N LEU B 190 26.77 12.90 8.02
CA LEU B 190 28.11 12.29 7.75
C LEU B 190 28.05 11.29 6.60
N PRO B 191 29.11 11.24 5.74
CA PRO B 191 29.12 10.38 4.55
C PRO B 191 29.75 8.99 4.82
N PHE B 192 29.25 8.29 5.85
CA PHE B 192 29.57 6.86 6.06
C PHE B 192 28.37 6.18 6.72
N SER B 193 28.47 4.88 6.95
CA SER B 193 27.33 4.02 7.33
C SER B 193 27.71 3.19 8.56
N ASP B 194 26.79 2.31 8.95
CA ASP B 194 26.90 1.39 10.10
C ASP B 194 26.28 0.09 9.62
N PRO B 195 27.08 -0.95 9.31
CA PRO B 195 26.55 -2.20 8.75
C PRO B 195 25.31 -2.77 9.47
N SER B 196 25.26 -2.67 10.81
CA SER B 196 24.12 -3.12 11.65
C SER B 196 22.81 -2.38 11.30
N TYR B 197 22.87 -1.21 10.66
CA TYR B 197 21.68 -0.40 10.28
C TYR B 197 21.04 -0.91 8.98
N HIS B 198 21.71 -1.80 8.24
CA HIS B 198 21.24 -2.27 6.91
C HIS B 198 20.22 -3.39 7.09
N LEU B 199 18.98 -3.10 6.73
CA LEU B 199 17.80 -3.97 6.92
C LEU B 199 17.16 -4.13 5.55
N PRO B 200 17.80 -4.87 4.62
CA PRO B 200 17.24 -5.07 3.28
C PRO B 200 15.83 -5.69 3.32
N HIS B 201 15.57 -6.57 4.28
CA HIS B 201 14.25 -7.22 4.50
C HIS B 201 13.17 -6.18 4.85
N PHE B 202 13.52 -5.12 5.60
CA PHE B 202 12.57 -4.02 5.90
C PHE B 202 12.35 -3.17 4.65
N TYR B 203 13.41 -2.91 3.86
CA TYR B 203 13.31 -2.06 2.63
C TYR B 203 12.40 -2.76 1.61
N GLU B 204 12.50 -4.09 1.46
CA GLU B 204 11.56 -4.88 0.63
C GLU B 204 10.12 -4.50 1.00
N LEU B 205 9.83 -4.38 2.29
CA LEU B 205 8.45 -4.11 2.78
C LEU B 205 8.11 -2.61 2.68
N PHE B 206 9.07 -1.70 2.89
CA PHE B 206 8.88 -0.25 2.62
C PHE B 206 8.50 -0.06 1.13
N ALA B 207 9.04 -0.88 0.23
CA ALA B 207 8.72 -0.88 -1.22
C ALA B 207 7.24 -1.24 -1.43
N GLN B 208 6.61 -1.94 -0.49
CA GLN B 208 5.18 -2.33 -0.55
C GLN B 208 4.31 -1.26 0.11
N TYR B 209 4.77 -0.56 1.16
CA TYR B 209 3.89 0.23 2.06
C TYR B 209 4.20 1.73 2.03
N ALA B 210 5.40 2.16 1.59
CA ALA B 210 5.81 3.58 1.67
C ALA B 210 4.96 4.42 0.70
N ASN B 211 5.11 5.73 0.74
CA ASN B 211 4.57 6.66 -0.29
C ASN B 211 4.97 6.13 -1.65
N GLU B 212 4.04 6.19 -2.61
CA GLU B 212 4.13 5.54 -3.95
C GLU B 212 5.41 5.96 -4.68
N GLN B 213 5.71 7.27 -4.68
CA GLN B 213 6.88 7.83 -5.42
C GLN B 213 8.19 7.27 -4.85
N ASP B 214 8.20 6.76 -3.61
CA ASP B 214 9.44 6.30 -2.94
C ASP B 214 9.64 4.78 -3.12
N ARG B 215 8.69 4.05 -3.70
CA ARG B 215 8.69 2.57 -3.63
C ARG B 215 9.88 2.01 -4.43
N THR B 216 10.19 2.60 -5.59
CA THR B 216 11.31 2.13 -6.46
C THR B 216 12.63 2.26 -5.68
N PHE B 217 12.86 3.40 -5.07
CA PHE B 217 14.09 3.66 -4.27
C PHE B 217 14.22 2.60 -3.16
N TRP B 218 13.13 2.28 -2.45
CA TRP B 218 13.16 1.29 -1.34
C TRP B 218 13.56 -0.08 -1.89
N LYS B 219 13.03 -0.46 -3.06
CA LYS B 219 13.40 -1.72 -3.74
C LYS B 219 14.90 -1.71 -4.08
N GLU B 220 15.42 -0.59 -4.62
CA GLU B 220 16.86 -0.43 -4.95
C GLU B 220 17.71 -0.46 -3.67
N ALA B 221 17.25 0.19 -2.60
CA ALA B 221 17.91 0.19 -1.27
C ALA B 221 18.05 -1.24 -0.75
N ALA B 222 17.04 -2.11 -0.96
CA ALA B 222 17.08 -3.52 -0.50
C ALA B 222 18.28 -4.22 -1.16
N GLU B 223 18.42 -4.10 -2.48
CA GLU B 223 19.51 -4.80 -3.23
C GLU B 223 20.86 -4.11 -2.91
N ALA B 224 20.90 -2.78 -2.82
CA ALA B 224 22.13 -2.04 -2.49
C ALA B 224 22.65 -2.49 -1.11
N SER B 225 21.75 -2.65 -0.12
CA SER B 225 22.13 -3.07 1.26
C SER B 225 22.63 -4.51 1.27
N ARG B 226 22.03 -5.43 0.50
CA ARG B 226 22.53 -6.83 0.39
C ARG B 226 23.96 -6.84 -0.17
N ALA B 227 24.21 -6.09 -1.24
CA ALA B 227 25.55 -5.93 -1.85
C ALA B 227 26.52 -5.30 -0.82
N TYR B 228 26.09 -4.22 -0.17
CA TYR B 228 26.90 -3.51 0.86
C TYR B 228 27.37 -4.51 1.92
N LEU B 229 26.48 -5.30 2.48
CA LEU B 229 26.76 -6.21 3.62
C LEU B 229 27.82 -7.23 3.18
N ARG B 230 27.78 -7.68 1.91
CA ARG B 230 28.81 -8.59 1.33
C ARG B 230 30.18 -7.90 1.42
N THR B 231 30.25 -6.58 1.22
CA THR B 231 31.53 -5.82 1.27
C THR B 231 31.92 -5.49 2.73
N ALA B 232 30.97 -5.48 3.68
CA ALA B 232 31.19 -5.02 5.08
C ALA B 232 31.67 -6.18 5.96
N CYS B 233 31.23 -7.39 5.66
CA CYS B 233 31.52 -8.61 6.47
C CYS B 233 32.78 -9.27 5.92
N HIS B 234 33.73 -9.55 6.79
CA HIS B 234 35.04 -10.10 6.38
C HIS B 234 34.79 -11.45 5.72
N PRO B 235 35.36 -11.73 4.53
CA PRO B 235 35.00 -12.97 3.82
C PRO B 235 35.43 -14.28 4.49
N VAL B 236 36.35 -14.28 5.46
CA VAL B 236 36.84 -15.50 6.18
C VAL B 236 36.16 -15.58 7.57
N THR B 237 36.18 -14.50 8.35
CA THR B 237 35.75 -14.49 9.77
C THR B 237 34.24 -14.25 9.89
N GLY B 238 33.66 -13.49 8.96
CA GLY B 238 32.24 -13.10 8.99
C GLY B 238 32.03 -11.92 9.92
N LEU B 239 33.11 -11.32 10.43
CA LEU B 239 33.05 -10.17 11.36
C LEU B 239 32.95 -8.90 10.54
N SER B 240 32.20 -7.93 11.07
CA SER B 240 32.00 -6.59 10.44
C SER B 240 32.40 -5.53 11.45
N PRO B 241 32.79 -4.32 10.98
CA PRO B 241 33.05 -3.20 11.87
C PRO B 241 31.74 -2.54 12.30
N GLU B 242 31.75 -1.84 13.45
CA GLU B 242 30.59 -1.09 13.96
C GLU B 242 30.23 0.05 12.97
N TYR B 243 31.22 0.86 12.57
CA TYR B 243 31.03 1.93 11.54
C TYR B 243 31.87 1.62 10.29
N ALA B 244 31.31 1.83 9.10
CA ALA B 244 31.97 1.50 7.82
C ALA B 244 31.67 2.55 6.74
N ASN B 245 32.67 2.80 5.89
CA ASN B 245 32.57 3.66 4.68
C ASN B 245 31.59 3.00 3.70
N TYR B 246 31.17 3.74 2.67
CA TYR B 246 30.24 3.25 1.61
C TYR B 246 30.88 2.08 0.86
N ASP B 247 32.21 1.99 0.83
CA ASP B 247 32.95 0.88 0.15
C ASP B 247 33.04 -0.33 1.09
N GLY B 248 32.59 -0.21 2.35
CA GLY B 248 32.46 -1.34 3.29
C GLY B 248 33.65 -1.48 4.22
N THR B 249 34.73 -0.71 3.99
CA THR B 249 35.94 -0.68 4.86
C THR B 249 35.57 0.02 6.17
N PRO B 250 36.24 -0.31 7.30
CA PRO B 250 36.00 0.39 8.55
C PRO B 250 36.14 1.92 8.43
N ALA B 251 35.19 2.67 8.99
CA ALA B 251 35.18 4.15 8.94
C ALA B 251 36.34 4.68 9.78
N PRO B 252 36.80 5.93 9.55
CA PRO B 252 37.81 6.54 10.41
C PRO B 252 37.41 6.57 11.90
N VAL B 253 38.41 6.52 12.78
CA VAL B 253 38.24 6.77 14.24
C VAL B 253 37.41 8.06 14.37
N GLN B 254 36.41 8.06 15.24
CA GLN B 254 35.55 9.24 15.49
C GLN B 254 35.97 9.86 16.81
N LEU B 255 35.50 11.08 17.07
CA LEU B 255 35.86 11.85 18.28
C LEU B 255 35.26 11.16 19.51
N HIS B 256 34.13 10.46 19.36
CA HIS B 256 33.40 9.80 20.48
C HIS B 256 33.81 8.31 20.61
N GLY B 257 34.69 7.77 19.76
CA GLY B 257 35.19 6.39 19.94
C GLY B 257 35.78 5.78 18.68
N ASP B 258 36.40 4.62 18.86
CA ASP B 258 36.95 3.74 17.80
C ASP B 258 35.88 2.69 17.46
N PHE B 259 35.31 2.76 16.25
CA PHE B 259 34.18 1.89 15.84
C PHE B 259 34.61 0.99 14.67
N ARG B 260 35.92 0.72 14.57
CA ARG B 260 36.54 -0.02 13.43
C ARG B 260 36.47 -1.53 13.64
N HIS B 261 36.13 -1.98 14.84
CA HIS B 261 36.31 -3.39 15.27
C HIS B 261 34.94 -4.05 15.43
N PHE B 262 34.95 -5.35 15.68
CA PHE B 262 33.74 -6.18 15.92
C PHE B 262 33.37 -6.04 17.39
N TYR B 263 32.30 -5.28 17.65
CA TYR B 263 31.82 -4.89 18.99
C TYR B 263 30.31 -4.65 18.90
N SER B 264 29.71 -4.15 19.97
CA SER B 264 28.25 -4.09 20.25
C SER B 264 27.36 -3.94 18.99
N ASP B 265 27.50 -2.85 18.23
CA ASP B 265 26.62 -2.55 17.06
C ASP B 265 26.64 -3.72 16.08
N ALA B 266 27.84 -4.23 15.77
CA ALA B 266 28.12 -5.16 14.66
C ALA B 266 27.48 -6.53 14.91
N TYR B 267 27.12 -6.85 16.16
CA TYR B 267 26.55 -8.16 16.54
C TYR B 267 25.25 -8.38 15.74
N ARG B 268 24.50 -7.31 15.51
CA ARG B 268 23.17 -7.37 14.86
C ARG B 268 23.29 -7.76 13.38
N VAL B 269 24.47 -7.57 12.78
CA VAL B 269 24.67 -7.84 11.33
C VAL B 269 24.28 -9.28 11.02
N ALA B 270 24.82 -10.27 11.75
CA ALA B 270 24.56 -11.70 11.47
C ALA B 270 23.08 -12.00 11.67
N ALA B 271 22.42 -11.37 12.63
CA ALA B 271 20.98 -11.55 12.94
C ALA B 271 20.13 -10.94 11.81
N ASN B 272 20.49 -9.75 11.34
CA ASN B 272 19.77 -9.05 10.23
C ASN B 272 19.91 -9.85 8.93
N VAL B 273 21.13 -10.30 8.62
CA VAL B 273 21.46 -11.12 7.41
C VAL B 273 20.60 -12.39 7.41
N ALA B 274 20.53 -13.10 8.55
CA ALA B 274 19.74 -14.35 8.70
C ALA B 274 18.24 -14.10 8.57
N LEU B 275 17.73 -12.99 9.09
CA LEU B 275 16.27 -12.71 9.04
C LEU B 275 15.87 -12.42 7.58
N ASP B 276 16.69 -11.67 6.85
CA ASP B 276 16.45 -11.41 5.42
C ASP B 276 16.43 -12.75 4.67
N TRP B 277 17.43 -13.60 4.90
CA TRP B 277 17.44 -14.97 4.32
C TRP B 277 16.11 -15.67 4.59
N GLU B 278 15.68 -15.75 5.85
CA GLU B 278 14.41 -16.43 6.26
C GLU B 278 13.20 -15.82 5.53
N TRP B 279 13.09 -14.49 5.51
CA TRP B 279 11.90 -13.79 4.95
C TRP B 279 11.89 -13.86 3.43
N PHE B 280 13.02 -13.64 2.76
CA PHE B 280 13.06 -13.38 1.29
C PHE B 280 13.94 -14.36 0.52
N ARG B 281 14.93 -14.98 1.18
CA ARG B 281 15.87 -15.96 0.58
C ARG B 281 16.37 -15.52 -0.80
N LYS B 282 16.92 -14.31 -0.92
CA LYS B 282 17.35 -13.74 -2.23
C LYS B 282 18.85 -13.97 -2.46
N ASP B 283 19.68 -13.84 -1.42
CA ASP B 283 21.16 -13.76 -1.58
C ASP B 283 21.81 -14.92 -0.83
N PRO B 284 22.23 -15.99 -1.57
CA PRO B 284 22.86 -17.17 -0.97
C PRO B 284 24.18 -16.88 -0.25
N TRP B 285 24.82 -15.73 -0.47
CA TRP B 285 26.00 -15.33 0.34
C TRP B 285 25.60 -15.33 1.82
N GLN B 286 24.33 -15.07 2.15
CA GLN B 286 23.84 -14.93 3.54
C GLN B 286 24.00 -16.26 4.30
N VAL B 287 23.92 -17.39 3.60
CA VAL B 287 24.17 -18.74 4.16
C VAL B 287 25.65 -18.84 4.54
N GLN B 288 26.54 -18.38 3.67
CA GLN B 288 28.02 -18.48 3.82
C GLN B 288 28.46 -17.55 4.96
N GLN B 289 27.94 -16.33 4.99
CA GLN B 289 28.21 -15.34 6.06
C GLN B 289 27.81 -15.97 7.41
N SER B 290 26.62 -16.58 7.48
CA SER B 290 26.09 -17.21 8.71
C SER B 290 27.02 -18.36 9.13
N ASN B 291 27.44 -19.19 8.17
CA ASN B 291 28.40 -20.28 8.41
C ASN B 291 29.69 -19.70 9.00
N ARG B 292 30.23 -18.64 8.41
CA ARG B 292 31.58 -18.11 8.75
C ARG B 292 31.55 -17.52 10.16
N ILE B 293 30.52 -16.76 10.54
CA ILE B 293 30.52 -16.14 11.90
C ILE B 293 30.31 -17.25 12.92
N GLN B 294 29.48 -18.26 12.63
CA GLN B 294 29.30 -19.40 13.56
C GLN B 294 30.62 -20.20 13.68
N ALA B 295 31.36 -20.38 12.58
CA ALA B 295 32.65 -21.10 12.60
C ALA B 295 33.65 -20.31 13.45
N PHE B 296 33.68 -18.98 13.31
CA PHE B 296 34.59 -18.11 14.09
C PHE B 296 34.35 -18.34 15.58
N PHE B 297 33.08 -18.38 16.02
CA PHE B 297 32.71 -18.43 17.47
C PHE B 297 32.47 -19.86 17.95
N SER B 298 32.55 -20.87 17.08
CA SER B 298 32.18 -22.28 17.42
C SER B 298 32.94 -22.77 18.66
N ASP B 299 34.24 -22.49 18.72
CA ASP B 299 35.19 -23.01 19.73
C ASP B 299 35.40 -21.97 20.85
N ILE B 300 34.73 -20.81 20.80
CA ILE B 300 35.03 -19.69 21.75
C ILE B 300 34.00 -19.68 22.89
N ASP B 301 34.48 -20.00 24.09
CA ASP B 301 33.83 -19.83 25.41
C ASP B 301 33.13 -18.47 25.49
N VAL B 302 31.83 -18.41 25.79
CA VAL B 302 31.02 -17.16 25.94
C VAL B 302 31.64 -16.29 27.06
N SER B 303 32.25 -16.93 28.09
CA SER B 303 32.90 -16.24 29.24
C SER B 303 34.17 -15.53 28.79
N ASP B 304 34.65 -15.78 27.56
CA ASP B 304 35.95 -15.27 27.05
C ASP B 304 35.73 -14.38 25.81
N TYR B 305 34.48 -14.07 25.47
CA TYR B 305 34.16 -13.20 24.29
C TYR B 305 34.91 -11.87 24.45
N ARG B 306 35.62 -11.41 23.42
CA ARG B 306 36.38 -10.13 23.47
C ARG B 306 35.82 -9.10 22.50
N ARG B 307 36.47 -7.95 22.41
CA ARG B 307 36.48 -7.09 21.20
C ARG B 307 37.43 -7.78 20.20
N TYR B 308 37.09 -7.84 18.92
CA TYR B 308 37.95 -8.46 17.87
C TYR B 308 38.12 -7.49 16.70
N THR B 309 39.29 -7.49 16.07
CA THR B 309 39.46 -6.87 14.73
C THR B 309 38.60 -7.72 13.79
N ILE B 310 38.16 -7.16 12.66
CA ILE B 310 37.29 -7.91 11.70
C ILE B 310 38.12 -9.08 11.11
N GLU B 311 39.45 -9.00 11.18
CA GLU B 311 40.39 -10.06 10.69
C GLU B 311 40.47 -11.20 11.72
N GLY B 312 39.88 -11.03 12.91
CA GLY B 312 39.68 -12.12 13.88
C GLY B 312 40.64 -12.05 15.06
N GLU B 313 41.41 -10.97 15.17
CA GLU B 313 42.46 -10.85 16.23
C GLU B 313 41.78 -10.40 17.53
N PRO B 314 41.89 -11.18 18.63
CA PRO B 314 41.26 -10.79 19.88
C PRO B 314 42.05 -9.70 20.61
N PHE B 315 41.37 -8.68 21.12
CA PHE B 315 41.90 -7.71 22.11
C PHE B 315 41.81 -8.34 23.48
N ASN B 316 42.58 -7.82 24.43
CA ASN B 316 42.47 -8.14 25.87
C ASN B 316 41.07 -7.72 26.37
N GLU B 317 40.57 -6.59 25.88
CA GLU B 317 39.29 -5.98 26.30
C GLU B 317 38.15 -6.99 26.10
N PRO B 318 37.28 -7.22 27.12
CA PRO B 318 36.16 -8.13 26.97
C PRO B 318 35.03 -7.52 26.13
N ALA B 319 34.19 -8.36 25.52
CA ALA B 319 32.88 -7.92 24.97
C ALA B 319 32.07 -7.32 26.13
N LEU B 320 31.50 -6.14 25.93
CA LEU B 320 30.56 -5.54 26.91
C LEU B 320 29.25 -6.34 26.95
N HIS B 321 28.78 -6.87 25.81
CA HIS B 321 27.45 -7.54 25.70
C HIS B 321 27.60 -8.97 25.18
N PRO B 322 28.15 -9.90 25.98
CA PRO B 322 28.45 -11.25 25.50
C PRO B 322 27.21 -12.11 25.28
N VAL B 323 26.16 -11.88 26.05
CA VAL B 323 24.87 -12.59 25.86
C VAL B 323 24.22 -12.11 24.55
N GLY B 324 24.21 -10.80 24.31
CA GLY B 324 23.82 -10.23 23.00
C GLY B 324 24.56 -10.91 21.85
N LEU B 325 25.89 -11.02 21.95
CA LEU B 325 26.73 -11.61 20.87
C LEU B 325 26.28 -13.05 20.62
N LEU B 326 26.16 -13.87 21.68
CA LEU B 326 25.72 -15.27 21.54
C LEU B 326 24.32 -15.30 20.92
N ALA B 327 23.40 -14.43 21.37
CA ALA B 327 22.02 -14.37 20.81
C ALA B 327 22.10 -14.17 19.28
N THR B 328 22.95 -13.25 18.79
CA THR B 328 23.05 -12.90 17.35
C THR B 328 23.70 -14.07 16.60
N ASN B 329 24.74 -14.69 17.19
CA ASN B 329 25.41 -15.90 16.64
C ASN B 329 24.37 -17.03 16.48
N ALA B 330 23.44 -17.17 17.41
CA ALA B 330 22.41 -18.24 17.40
C ALA B 330 21.34 -17.89 16.36
N MET B 331 20.96 -16.61 16.25
CA MET B 331 19.92 -16.18 15.26
C MET B 331 20.38 -16.50 13.84
N ALA B 332 21.70 -16.50 13.59
CA ALA B 332 22.32 -16.82 12.29
C ALA B 332 21.98 -18.26 11.86
N SER B 333 21.51 -19.12 12.78
CA SER B 333 21.06 -20.49 12.43
C SER B 333 19.81 -20.45 11.55
N LEU B 334 19.14 -19.30 11.41
CA LEU B 334 18.04 -19.11 10.41
C LEU B 334 18.61 -19.36 9.00
N ALA B 335 19.87 -19.02 8.74
CA ALA B 335 20.50 -19.11 7.40
C ALA B 335 21.63 -20.15 7.35
N ALA B 336 22.34 -20.39 8.45
CA ALA B 336 23.52 -21.30 8.48
C ALA B 336 23.07 -22.73 8.14
N ASP B 337 23.87 -23.46 7.35
CA ASP B 337 23.71 -24.91 7.11
C ASP B 337 24.97 -25.66 7.55
N GLY B 338 25.91 -25.00 8.24
CA GLY B 338 27.22 -25.56 8.64
C GLY B 338 27.09 -26.51 9.83
N PRO B 339 28.22 -27.05 10.36
CA PRO B 339 28.17 -27.98 11.48
C PRO B 339 27.87 -27.35 12.85
N ASP B 340 27.72 -26.02 12.92
CA ASP B 340 27.60 -25.27 14.19
C ASP B 340 26.15 -24.86 14.45
N ALA B 341 25.29 -24.94 13.44
CA ALA B 341 23.93 -24.35 13.46
C ALA B 341 23.14 -24.87 14.67
N ASP B 342 23.12 -26.19 14.90
CA ASP B 342 22.24 -26.84 15.91
C ASP B 342 22.78 -26.55 17.31
N SER B 343 24.11 -26.63 17.49
CA SER B 343 24.73 -26.40 18.83
C SER B 343 24.50 -24.93 19.25
N PHE B 344 24.45 -23.95 18.33
CA PHE B 344 24.18 -22.53 18.69
C PHE B 344 22.73 -22.39 19.18
N VAL B 345 21.77 -23.07 18.54
CA VAL B 345 20.33 -23.03 18.94
C VAL B 345 20.24 -23.56 20.38
N LYS B 346 20.87 -24.70 20.66
CA LYS B 346 20.87 -25.36 21.98
C LYS B 346 21.56 -24.46 23.02
N ARG B 347 22.72 -23.90 22.69
CA ARG B 347 23.50 -23.03 23.62
C ARG B 347 22.62 -21.85 24.01
N PHE B 348 21.91 -21.27 23.03
CA PHE B 348 21.02 -20.10 23.27
C PHE B 348 19.84 -20.54 24.16
N TRP B 349 19.16 -21.64 23.82
CA TRP B 349 18.06 -22.20 24.67
C TRP B 349 18.52 -22.28 26.14
N ASN B 350 19.76 -22.74 26.35
CA ASN B 350 20.31 -23.02 27.70
C ASN B 350 20.87 -21.74 28.34
N THR B 351 20.72 -20.58 27.70
CA THR B 351 21.22 -19.28 28.23
C THR B 351 20.04 -18.49 28.80
N PRO B 352 20.11 -18.06 30.07
CA PRO B 352 19.07 -17.20 30.63
C PRO B 352 19.23 -15.74 30.19
N LEU B 353 18.16 -14.95 30.34
CA LEU B 353 18.20 -13.48 30.15
C LEU B 353 19.35 -12.96 30.99
N ARG B 354 20.00 -11.89 30.55
CA ARG B 354 21.07 -11.24 31.33
C ARG B 354 20.42 -10.45 32.47
N GLN B 355 21.13 -10.35 33.59
CA GLN B 355 20.76 -9.53 34.76
C GLN B 355 21.84 -8.46 35.00
N GLY B 356 21.54 -7.51 35.89
CA GLY B 356 22.46 -6.44 36.26
C GLY B 356 22.28 -5.23 35.36
N LYS B 357 23.08 -4.20 35.61
CA LYS B 357 22.86 -2.85 35.06
C LYS B 357 23.17 -2.79 33.55
N ARG B 358 23.91 -3.73 32.97
CA ARG B 358 24.31 -3.68 31.54
C ARG B 358 23.37 -4.51 30.65
N ARG B 359 22.25 -5.01 31.23
CA ARG B 359 21.45 -6.10 30.61
C ARG B 359 20.68 -5.65 29.35
N TYR B 360 20.37 -4.35 29.20
CA TYR B 360 19.39 -3.85 28.20
C TYR B 360 19.73 -4.36 26.80
N TYR B 361 20.95 -4.12 26.32
CA TYR B 361 21.33 -4.43 24.90
C TYR B 361 21.36 -5.94 24.68
N ASP B 362 21.97 -6.68 25.62
CA ASP B 362 21.98 -8.17 25.59
C ASP B 362 20.55 -8.68 25.42
N ASN B 363 19.61 -8.14 26.22
CA ASN B 363 18.25 -8.73 26.37
C ASN B 363 17.36 -8.36 25.18
N CYS B 364 17.60 -7.19 24.56
CA CYS B 364 16.96 -6.80 23.28
C CYS B 364 17.34 -7.83 22.22
N LEU B 365 18.62 -8.09 22.03
CA LEU B 365 19.14 -9.05 21.02
C LEU B 365 18.65 -10.44 21.37
N TYR B 366 18.65 -10.78 22.67
CA TYR B 366 18.13 -12.04 23.22
C TYR B 366 16.67 -12.23 22.81
N PHE B 367 15.83 -11.20 22.98
CA PHE B 367 14.38 -11.33 22.66
C PHE B 367 14.20 -11.56 21.16
N PHE B 368 14.91 -10.81 20.31
CA PHE B 368 14.74 -10.98 18.83
C PHE B 368 15.12 -12.41 18.45
N THR B 369 16.19 -12.95 19.02
CA THR B 369 16.64 -14.35 18.76
C THR B 369 15.58 -15.35 19.23
N MET B 370 14.95 -15.10 20.39
CA MET B 370 13.88 -15.99 20.94
C MET B 370 12.70 -15.99 19.96
N LEU B 371 12.27 -14.82 19.49
CA LEU B 371 11.21 -14.68 18.45
C LEU B 371 11.64 -15.47 17.19
N ALA B 372 12.81 -15.18 16.64
CA ALA B 372 13.24 -15.73 15.34
C ALA B 372 13.38 -17.26 15.43
N LEU B 373 14.04 -17.79 16.46
CA LEU B 373 14.38 -19.23 16.50
C LEU B 373 13.13 -20.05 16.85
N SER B 374 12.05 -19.39 17.26
CA SER B 374 10.74 -20.04 17.54
C SER B 374 9.77 -19.89 16.35
N GLY B 375 10.23 -19.27 15.25
CA GLY B 375 9.41 -18.98 14.05
C GLY B 375 8.34 -17.92 14.31
N ASN B 376 8.59 -16.98 15.24
CA ASN B 376 7.62 -15.94 15.64
C ASN B 376 8.08 -14.52 15.29
N TYR B 377 9.17 -14.36 14.53
CA TYR B 377 9.61 -13.06 13.96
C TYR B 377 9.12 -13.02 12.51
N ARG B 378 7.96 -12.39 12.30
CA ARG B 378 7.15 -12.62 11.09
C ARG B 378 6.83 -11.31 10.38
N VAL B 379 6.58 -11.42 9.08
CA VAL B 379 5.97 -10.33 8.27
C VAL B 379 4.46 -10.35 8.53
N TYR B 380 3.88 -9.24 8.94
CA TYR B 380 2.42 -9.01 9.02
C TYR B 380 2.02 -8.20 7.79
N GLN B 381 1.50 -8.93 6.79
CA GLN B 381 1.23 -8.44 5.43
C GLN B 381 -0.11 -7.72 5.37
N GLN B 382 -0.32 -6.99 4.27
CA GLN B 382 -1.62 -6.52 3.77
C GLN B 382 -2.33 -7.70 3.17
N ALA B 383 -3.24 -8.33 3.91
CA ALA B 383 -3.81 -9.62 3.45
C ALA B 383 -5.24 -9.76 3.93
N ALA B 384 -5.93 -10.73 3.32
CA ALA B 384 -7.29 -11.17 3.69
C ALA B 384 -7.26 -11.63 5.15
N ALA B 385 -8.21 -11.14 5.95
CA ALA B 385 -8.31 -11.34 7.41
C ALA B 385 -8.66 -12.80 7.71
O1 XYP C . -30.22 2.52 -19.53
C1 XYP C . -28.93 2.29 -18.87
C2 XYP C . -29.18 1.97 -17.37
C3 XYP C . -27.86 1.66 -16.65
C4 XYP C . -26.95 0.64 -17.44
C5 XYP C . -26.73 1.13 -18.86
O2 XYP C . -29.74 3.14 -16.71
O3 XYP C . -28.17 1.23 -15.29
O4 XYP C . -25.64 0.42 -16.73
O5 XYP C . -28.11 1.25 -19.47
C1 XYP C . -25.45 -0.97 -16.36
C2 XYP C . -24.27 -1.10 -15.42
C3 XYP C . -24.23 -2.56 -14.88
C4 XYP C . -25.60 -3.35 -14.87
C5 XYP C . -26.72 -2.79 -15.73
O2 XYP C . -22.98 -0.83 -16.11
O3 XYP C . -23.73 -2.48 -13.58
O4 XYP C . -25.36 -4.68 -15.43
O5 XYP C . -26.63 -1.40 -15.66
C1 XYP C . -26.18 -5.74 -14.94
C2 XYP C . -26.81 -6.48 -16.12
C3 XYP C . -27.55 -7.70 -15.62
C4 XYP C . -26.64 -8.53 -14.74
C5 XYP C . -25.87 -7.73 -13.67
O2 XYP C . -27.73 -5.66 -16.87
O3 XYP C . -27.98 -8.54 -16.75
O4 XYP C . -27.52 -9.35 -14.06
O5 XYP C . -25.23 -6.60 -14.28
C1 XYP C . -27.41 -10.72 -14.43
C2 XYP C . -28.10 -11.56 -13.35
C3 XYP C . -27.82 -13.01 -13.71
C4 XYP C . -28.57 -13.29 -15.03
C5 XYP C . -28.15 -12.32 -16.16
O2 XYP C . -27.71 -11.16 -11.97
O3 XYP C . -28.32 -13.89 -12.68
O4 XYP C . -28.29 -14.62 -15.43
O5 XYP C . -28.08 -10.92 -15.72
O1 XYP D . 26.01 -0.62 24.95
C1 XYP D . 25.20 -0.62 23.80
C2 XYP D . 24.15 0.51 23.96
C3 XYP D . 23.33 0.71 22.71
C4 XYP D . 24.19 0.81 21.43
C5 XYP D . 25.10 -0.39 21.35
O2 XYP D . 23.26 0.14 24.96
O3 XYP D . 22.49 1.91 22.90
O4 XYP D . 23.25 0.81 20.24
O5 XYP D . 25.97 -0.39 22.58
C1 XYP D . 23.21 2.12 19.55
C2 XYP D . 22.02 2.30 18.62
C3 XYP D . 22.05 3.66 17.89
C4 XYP D . 22.69 4.83 18.76
C5 XYP D . 23.68 4.33 19.82
O2 XYP D . 22.04 1.27 17.60
O3 XYP D . 20.71 3.97 17.47
O4 XYP D . 23.46 5.63 17.89
O5 XYP D . 23.14 3.15 20.48
C1 XYP D . 23.78 6.99 18.21
C2 XYP D . 25.26 7.26 18.23
C3 XYP D . 25.44 8.80 18.28
C4 XYP D . 24.77 9.46 17.10
C5 XYP D . 23.37 8.99 16.94
O2 XYP D . 25.83 6.67 19.37
O3 XYP D . 26.80 9.20 18.21
O4 XYP D . 24.66 10.78 17.47
O5 XYP D . 23.26 7.59 17.01
C1 XYP D . 25.61 11.70 16.95
C2 XYP D . 25.32 13.08 17.58
C3 XYP D . 25.97 14.10 16.65
C4 XYP D . 27.49 13.87 16.73
C5 XYP D . 27.86 12.37 16.46
O2 XYP D . 23.89 13.32 17.72
O3 XYP D . 25.65 15.44 17.04
O4 XYP D . 28.11 14.73 15.75
O5 XYP D . 27.03 11.41 17.21
#